data_5KER
#
_entry.id   5KER
#
_cell.length_a   53.182
_cell.length_b   229.618
_cell.length_c   53.277
_cell.angle_alpha   90.00
_cell.angle_beta   119.12
_cell.angle_gamma   90.00
#
_symmetry.space_group_name_H-M   'P 1 21 1'
#
loop_
_entity.id
_entity.type
_entity.pdbx_description
1 polymer Alpha-globin
2 polymer 'Beta globin'
3 non-polymer 'PROTOPORPHYRIN IX CONTAINING FE'
4 water water
#
loop_
_entity_poly.entity_id
_entity_poly.type
_entity_poly.pdbx_seq_one_letter_code
_entity_poly.pdbx_strand_id
1 'polypeptide(L)'
;VLSADDKANIKAAWGKIGGHGAEYGAEALERMFCSFPTTKTYFPHFDVSPGSAQVKGHGAKVAGALATAASHLDDLPAAL
SALSDLHAHKLRVDPVNFKLLSHCLLVTLAAHHPAEFTPAVHASLDKFLASVSTVLTSKYR
;
C,E,G,A
2 'polypeptide(L)'
;VHLTDAEKALVTGLWGKVKPEEIGGEALGRLLAVYPWTQRFFDSFGDLSSASAIMGNAKVKGHGKKVIDSFGEGLKHLDN
LKGTFASLSELHCDKLHVDPENFKLLGNMIVIVMAHHLGKDFTPAAQAAYQKVVAGVATALAHKYH
;
D,F,H,B
#
# COMPACT_ATOMS: atom_id res chain seq x y z
N VAL A 1 6.38 26.41 0.45
CA VAL A 1 5.36 25.40 0.68
C VAL A 1 6.01 24.02 0.63
N LEU A 2 5.39 23.12 -0.12
CA LEU A 2 5.94 21.80 -0.36
C LEU A 2 6.98 21.86 -1.47
N SER A 3 7.81 20.83 -1.54
CA SER A 3 8.75 20.70 -2.63
C SER A 3 8.21 19.69 -3.64
N ALA A 4 8.79 19.71 -4.84
CA ALA A 4 8.44 18.70 -5.84
C ALA A 4 8.56 17.31 -5.25
N ASP A 5 9.58 17.09 -4.42
CA ASP A 5 9.71 15.82 -3.71
C ASP A 5 8.52 15.58 -2.80
N ASP A 6 8.11 16.59 -2.03
CA ASP A 6 6.95 16.43 -1.16
C ASP A 6 5.69 16.18 -1.98
N LYS A 7 5.48 16.94 -3.04
CA LYS A 7 4.34 16.72 -3.92
C LYS A 7 4.36 15.32 -4.53
N ALA A 8 5.54 14.83 -4.90
CA ALA A 8 5.62 13.48 -5.45
C ALA A 8 5.28 12.43 -4.39
N ASN A 9 5.74 12.63 -3.16
CA ASN A 9 5.47 11.64 -2.11
C ASN A 9 4.02 11.67 -1.66
N ILE A 10 3.37 12.83 -1.73
CA ILE A 10 1.97 12.93 -1.29
C ILE A 10 1.06 12.16 -2.23
N LYS A 11 1.11 12.49 -3.53
CA LYS A 11 0.31 11.77 -4.51
C LYS A 11 0.60 10.28 -4.46
N ALA A 12 1.89 9.91 -4.38
CA ALA A 12 2.25 8.51 -4.32
C ALA A 12 1.71 7.85 -3.06
N ALA A 13 1.84 8.52 -1.91
CA ALA A 13 1.40 7.92 -0.65
C ALA A 13 -0.12 7.79 -0.61
N TRP A 14 -0.82 8.83 -0.98
CA TRP A 14 -2.26 8.80 -1.03
C TRP A 14 -2.70 7.82 -2.11
N GLY A 15 -1.97 7.73 -3.20
CA GLY A 15 -2.27 6.74 -4.22
C GLY A 15 -2.26 5.33 -3.66
N LYS A 16 -1.27 5.01 -2.82
CA LYS A 16 -1.20 3.70 -2.18
C LYS A 16 -2.25 3.51 -1.10
N ILE A 17 -2.95 4.57 -0.69
CA ILE A 17 -4.03 4.42 0.28
C ILE A 17 -5.19 3.65 -0.34
N GLY A 18 -5.71 4.16 -1.47
CA GLY A 18 -6.81 3.47 -2.13
C GLY A 18 -8.12 3.63 -1.37
N GLY A 19 -8.95 2.59 -1.45
CA GLY A 19 -10.24 2.58 -0.78
C GLY A 19 -10.18 2.56 0.74
N HIS A 20 -8.98 2.60 1.34
CA HIS A 20 -8.85 2.57 2.78
C HIS A 20 -9.09 3.93 3.42
N GLY A 21 -9.06 5.01 2.63
CA GLY A 21 -9.21 6.37 3.12
C GLY A 21 -10.31 6.59 4.14
N ALA A 22 -11.56 6.31 3.75
CA ALA A 22 -12.68 6.54 4.67
C ALA A 22 -12.47 5.81 5.99
N GLU A 23 -11.90 4.61 5.95
CA GLU A 23 -11.61 3.89 7.19
C GLU A 23 -10.57 4.62 8.02
N TYR A 24 -9.47 5.05 7.38
CA TYR A 24 -8.42 5.75 8.12
C TYR A 24 -8.95 7.05 8.70
N GLY A 25 -9.80 7.76 7.95
CA GLY A 25 -10.32 9.02 8.42
C GLY A 25 -11.19 8.87 9.65
N ALA A 26 -11.88 7.74 9.79
CA ALA A 26 -12.68 7.50 10.98
C ALA A 26 -11.81 7.09 12.16
N GLU A 27 -10.87 6.16 11.93
CA GLU A 27 -9.95 5.76 13.00
C GLU A 27 -9.16 6.95 13.51
N ALA A 28 -8.73 7.85 12.60
CA ALA A 28 -8.04 9.06 13.03
C ALA A 28 -8.90 9.87 14.00
N LEU A 29 -10.15 10.14 13.62
CA LEU A 29 -11.08 10.84 14.52
C LEU A 29 -11.23 10.09 15.84
N GLU A 30 -11.36 8.76 15.76
CA GLU A 30 -11.51 7.96 16.98
C GLU A 30 -10.25 8.06 17.85
N ARG A 31 -9.08 8.12 17.21
CA ARG A 31 -7.85 8.31 17.98
C ARG A 31 -7.81 9.69 18.61
N MET A 32 -8.28 10.71 17.88
CA MET A 32 -8.27 12.06 18.43
C MET A 32 -9.20 12.19 19.62
N PHE A 33 -10.43 11.68 19.48
CA PHE A 33 -11.41 11.80 20.57
C PHE A 33 -10.94 11.07 21.82
N CYS A 34 -10.23 9.96 21.65
CA CYS A 34 -9.76 9.16 22.78
C CYS A 34 -8.51 9.76 23.42
N SER A 35 -7.53 10.16 22.60
CA SER A 35 -6.31 10.73 23.15
C SER A 35 -6.53 12.16 23.66
N PHE A 36 -7.32 12.96 22.94
CA PHE A 36 -7.52 14.37 23.22
C PHE A 36 -9.00 14.62 23.40
N PRO A 37 -9.54 14.39 24.61
CA PRO A 37 -10.99 14.39 24.79
C PRO A 37 -11.63 15.76 24.65
N THR A 38 -10.88 16.84 24.84
CA THR A 38 -11.45 18.17 24.61
C THR A 38 -11.90 18.34 23.17
N THR A 39 -11.21 17.68 22.23
CA THR A 39 -11.60 17.74 20.83
C THR A 39 -13.04 17.30 20.62
N LYS A 40 -13.58 16.50 21.54
CA LYS A 40 -14.98 16.08 21.44
C LYS A 40 -15.96 17.23 21.60
N THR A 41 -15.55 18.33 22.24
CA THR A 41 -16.46 19.47 22.38
C THR A 41 -16.75 20.14 21.05
N TYR A 42 -16.00 19.83 19.99
CA TYR A 42 -16.32 20.36 18.67
C TYR A 42 -17.45 19.60 17.99
N PHE A 43 -17.76 18.39 18.45
CA PHE A 43 -18.85 17.57 17.90
C PHE A 43 -19.89 17.27 18.98
N PRO A 44 -20.53 18.30 19.53
CA PRO A 44 -21.48 18.03 20.64
C PRO A 44 -22.71 17.25 20.20
N HIS A 45 -23.03 17.27 18.91
CA HIS A 45 -24.21 16.57 18.41
C HIS A 45 -23.91 15.17 17.90
N PHE A 46 -22.64 14.82 17.73
CA PHE A 46 -22.25 13.52 17.18
C PHE A 46 -22.39 12.43 18.25
N ASP A 47 -22.43 11.18 17.77
CA ASP A 47 -22.38 10.03 18.67
C ASP A 47 -21.07 9.98 19.45
N VAL A 48 -19.93 10.01 18.74
CA VAL A 48 -18.56 9.99 19.25
C VAL A 48 -18.27 8.94 20.33
N SER A 49 -18.90 7.79 20.25
CA SER A 49 -18.58 6.69 21.13
C SER A 49 -17.84 5.66 20.26
N PRO A 50 -16.95 4.89 20.79
CA PRO A 50 -16.27 4.02 19.87
C PRO A 50 -17.23 3.21 19.01
N GLY A 51 -16.94 3.19 17.72
CA GLY A 51 -17.60 2.40 16.66
C GLY A 51 -18.62 2.89 15.66
N SER A 52 -19.03 4.12 15.98
CA SER A 52 -20.15 4.92 15.52
C SER A 52 -20.46 5.13 14.12
N ALA A 53 -21.74 5.16 13.84
CA ALA A 53 -22.23 5.42 12.49
C ALA A 53 -21.85 6.82 12.01
N GLN A 54 -22.10 7.83 12.84
CA GLN A 54 -21.85 9.21 12.42
C GLN A 54 -20.36 9.51 12.32
N VAL A 55 -19.58 9.09 13.32
CA VAL A 55 -18.13 9.30 13.28
C VAL A 55 -17.52 8.59 12.09
N LYS A 56 -18.05 7.42 11.72
CA LYS A 56 -17.53 6.67 10.59
C LYS A 56 -17.87 7.38 9.27
N GLY A 57 -19.14 7.78 9.12
CA GLY A 57 -19.53 8.57 7.97
C GLY A 57 -18.86 9.92 7.90
N HIS A 58 -18.51 10.51 9.05
CA HIS A 58 -17.76 11.76 9.02
C HIS A 58 -16.31 11.52 8.63
N GLY A 59 -15.74 10.38 9.04
CA GLY A 59 -14.37 10.06 8.66
C GLY A 59 -14.21 9.95 7.15
N ALA A 60 -15.25 9.50 6.46
CA ALA A 60 -15.21 9.46 5.00
C ALA A 60 -15.09 10.87 4.42
N LYS A 61 -15.91 11.80 4.91
CA LYS A 61 -15.85 13.18 4.45
C LYS A 61 -14.47 13.77 4.65
N VAL A 62 -13.87 13.52 5.82
CA VAL A 62 -12.50 13.95 6.06
C VAL A 62 -11.56 13.33 5.03
N ALA A 63 -11.74 12.03 4.76
CA ALA A 63 -10.89 11.34 3.79
C ALA A 63 -11.10 11.84 2.38
N GLY A 64 -12.32 12.30 2.05
CA GLY A 64 -12.58 12.78 0.70
C GLY A 64 -11.88 14.10 0.41
N ALA A 65 -11.94 15.03 1.38
CA ALA A 65 -11.28 16.32 1.19
C ALA A 65 -9.77 16.16 1.09
N LEU A 66 -9.19 15.29 1.91
CA LEU A 66 -7.74 15.07 1.84
C LEU A 66 -7.34 14.53 0.48
N ALA A 67 -8.15 13.65 -0.10
CA ALA A 67 -7.88 13.19 -1.46
C ALA A 67 -7.95 14.36 -2.44
N THR A 68 -8.91 15.27 -2.25
CA THR A 68 -8.95 16.47 -3.08
C THR A 68 -7.73 17.35 -2.86
N ALA A 69 -7.36 17.57 -1.60
CA ALA A 69 -6.15 18.33 -1.30
C ALA A 69 -4.92 17.68 -1.93
N ALA A 70 -4.87 16.34 -1.92
CA ALA A 70 -3.69 15.64 -2.40
C ALA A 70 -3.46 15.78 -3.89
N SER A 71 -4.51 16.10 -4.66
CA SER A 71 -4.39 16.28 -6.10
C SER A 71 -4.49 17.74 -6.51
N HIS A 72 -4.56 18.67 -5.56
CA HIS A 72 -4.65 20.10 -5.82
C HIS A 72 -3.59 20.85 -5.03
N LEU A 73 -2.42 20.24 -4.85
CA LEU A 73 -1.41 20.75 -3.93
C LEU A 73 -0.96 22.16 -4.31
N ASP A 74 -0.94 22.49 -5.60
CA ASP A 74 -0.51 23.81 -6.03
C ASP A 74 -1.61 24.88 -5.90
N ASP A 75 -2.75 24.53 -5.31
CA ASP A 75 -3.84 25.51 -5.19
C ASP A 75 -4.79 25.12 -4.06
N LEU A 76 -4.24 24.75 -2.90
CA LEU A 76 -5.06 24.43 -1.73
C LEU A 76 -6.01 25.55 -1.33
N PRO A 77 -5.59 26.83 -1.27
CA PRO A 77 -6.55 27.89 -0.93
C PRO A 77 -7.78 27.92 -1.81
N ALA A 78 -7.69 27.46 -3.07
CA ALA A 78 -8.86 27.45 -3.94
C ALA A 78 -9.75 26.26 -3.65
N ALA A 79 -9.19 25.05 -3.70
CA ALA A 79 -9.97 23.82 -3.54
C ALA A 79 -10.40 23.56 -2.10
N LEU A 80 -9.92 24.34 -1.13
CA LEU A 80 -10.28 24.16 0.26
C LEU A 80 -10.98 25.39 0.85
N SER A 81 -11.33 26.37 0.02
CA SER A 81 -11.91 27.61 0.53
C SER A 81 -13.29 27.39 1.12
N ALA A 82 -14.04 26.41 0.62
CA ALA A 82 -15.30 26.06 1.25
C ALA A 82 -15.07 25.47 2.64
N LEU A 83 -14.07 24.59 2.76
CA LEU A 83 -13.75 24.00 4.05
C LEU A 83 -13.13 25.01 5.00
N SER A 84 -12.37 25.97 4.48
CA SER A 84 -11.86 27.05 5.33
C SER A 84 -12.99 27.80 5.98
N ASP A 85 -14.03 28.13 5.22
CA ASP A 85 -15.15 28.88 5.76
C ASP A 85 -15.80 28.13 6.92
N LEU A 86 -15.98 26.82 6.78
CA LEU A 86 -16.60 26.04 7.84
C LEU A 86 -15.74 26.03 9.11
N HIS A 87 -14.47 25.68 8.96
CA HIS A 87 -13.62 25.50 10.14
C HIS A 87 -13.13 26.82 10.70
N ALA A 88 -12.86 27.80 9.85
CA ALA A 88 -12.31 29.08 10.32
C ALA A 88 -13.39 30.12 10.61
N HIS A 89 -14.28 30.38 9.64
CA HIS A 89 -15.33 31.38 9.86
C HIS A 89 -16.44 30.84 10.76
N LYS A 90 -16.97 29.67 10.42
CA LYS A 90 -18.14 29.13 11.13
C LYS A 90 -17.73 28.52 12.47
N LEU A 91 -16.96 27.43 12.42
CA LEU A 91 -16.65 26.70 13.65
C LEU A 91 -15.57 27.41 14.46
N ARG A 92 -14.59 28.03 13.80
CA ARG A 92 -13.49 28.75 14.45
C ARG A 92 -12.58 27.78 15.23
N VAL A 93 -12.18 26.69 14.56
CA VAL A 93 -11.42 25.65 15.25
C VAL A 93 -10.05 26.17 15.67
N ASP A 94 -9.67 25.88 16.90
CA ASP A 94 -8.37 26.28 17.42
C ASP A 94 -7.27 25.55 16.65
N PRO A 95 -6.29 26.28 16.12
CA PRO A 95 -5.24 25.61 15.33
C PRO A 95 -4.62 24.41 16.02
N VAL A 96 -4.51 24.42 17.35
CA VAL A 96 -3.91 23.30 18.09
C VAL A 96 -4.62 21.99 17.78
N ASN A 97 -5.92 22.05 17.47
CA ASN A 97 -6.67 20.83 17.22
C ASN A 97 -6.40 20.24 15.84
N PHE A 98 -6.03 21.08 14.87
CA PHE A 98 -5.63 20.55 13.58
C PHE A 98 -4.31 19.81 13.66
N LYS A 99 -3.45 20.18 14.62
CA LYS A 99 -2.22 19.41 14.81
C LYS A 99 -2.50 18.08 15.50
N LEU A 100 -3.42 18.08 16.47
CA LEU A 100 -3.82 16.82 17.10
C LEU A 100 -4.40 15.85 16.07
N LEU A 101 -5.31 16.35 15.22
CA LEU A 101 -5.92 15.48 14.22
C LEU A 101 -4.91 15.03 13.17
N SER A 102 -4.03 15.94 12.73
CA SER A 102 -2.96 15.55 11.82
C SER A 102 -2.11 14.44 12.43
N HIS A 103 -1.78 14.55 13.72
CA HIS A 103 -0.95 13.54 14.36
C HIS A 103 -1.61 12.18 14.37
N CYS A 104 -2.92 12.13 14.66
CA CYS A 104 -3.62 10.85 14.68
C CYS A 104 -3.71 10.23 13.29
N LEU A 105 -3.76 11.05 12.24
CA LEU A 105 -3.77 10.52 10.89
C LEU A 105 -2.46 9.78 10.60
N LEU A 106 -1.33 10.35 11.03
CA LEU A 106 -0.04 9.73 10.75
C LEU A 106 0.14 8.47 11.59
N VAL A 107 -0.39 8.45 12.82
CA VAL A 107 -0.43 7.22 13.60
C VAL A 107 -1.21 6.14 12.86
N THR A 108 -2.33 6.54 12.23
CA THR A 108 -3.14 5.57 11.49
C THR A 108 -2.39 4.99 10.30
N LEU A 109 -1.71 5.84 9.53
CA LEU A 109 -0.95 5.34 8.39
C LEU A 109 0.25 4.52 8.84
N ALA A 110 0.89 4.94 9.94
CA ALA A 110 1.98 4.15 10.49
C ALA A 110 1.47 2.80 11.01
N ALA A 111 0.29 2.78 11.61
CA ALA A 111 -0.25 1.55 12.15
C ALA A 111 -0.69 0.58 11.07
N HIS A 112 -1.09 1.09 9.90
CA HIS A 112 -1.65 0.25 8.85
C HIS A 112 -0.67 -0.04 7.72
N HIS A 113 0.17 0.91 7.34
CA HIS A 113 1.15 0.72 6.26
C HIS A 113 2.56 0.86 6.82
N PRO A 114 3.08 -0.18 7.50
CA PRO A 114 4.49 -0.18 7.88
C PRO A 114 5.43 0.08 6.70
N ALA A 115 5.39 -0.81 5.70
CA ALA A 115 6.39 -0.76 4.63
C ALA A 115 6.35 0.55 3.85
N GLU A 116 5.18 1.15 3.68
CA GLU A 116 5.07 2.39 2.94
C GLU A 116 5.30 3.63 3.80
N PHE A 117 5.23 3.52 5.12
CA PHE A 117 5.36 4.69 5.98
C PHE A 117 6.83 4.91 6.31
N THR A 118 7.58 5.28 5.28
CA THR A 118 9.00 5.54 5.44
C THR A 118 9.22 6.94 6.02
N PRO A 119 10.37 7.16 6.64
CA PRO A 119 10.67 8.52 7.16
C PRO A 119 10.53 9.63 6.13
N ALA A 120 10.92 9.38 4.87
CA ALA A 120 10.75 10.41 3.86
C ALA A 120 9.27 10.69 3.61
N VAL A 121 8.47 9.63 3.43
CA VAL A 121 7.03 9.81 3.23
C VAL A 121 6.40 10.48 4.43
N HIS A 122 6.75 10.03 5.64
CA HIS A 122 6.27 10.67 6.86
C HIS A 122 6.54 12.17 6.83
N ALA A 123 7.75 12.56 6.44
CA ALA A 123 8.10 13.98 6.40
C ALA A 123 7.23 14.74 5.41
N SER A 124 7.04 14.18 4.22
CA SER A 124 6.22 14.86 3.21
C SER A 124 4.77 14.97 3.66
N LEU A 125 4.26 13.96 4.37
CA LEU A 125 2.87 13.97 4.79
C LEU A 125 2.63 14.98 5.91
N ASP A 126 3.61 15.14 6.79
CA ASP A 126 3.47 16.13 7.86
C ASP A 126 3.42 17.55 7.28
N LYS A 127 4.14 17.80 6.20
CA LYS A 127 4.00 19.09 5.51
C LYS A 127 2.67 19.16 4.77
N PHE A 128 2.20 18.03 4.23
CA PHE A 128 0.90 17.99 3.58
C PHE A 128 -0.21 18.40 4.55
N LEU A 129 -0.35 17.68 5.66
CA LEU A 129 -1.41 17.97 6.61
C LEU A 129 -1.24 19.34 7.23
N ALA A 130 0.00 19.83 7.34
CA ALA A 130 0.22 21.15 7.91
C ALA A 130 -0.16 22.27 6.95
N SER A 131 0.07 22.06 5.65
CA SER A 131 -0.43 23.02 4.66
C SER A 131 -1.95 23.06 4.66
N VAL A 132 -2.58 21.88 4.64
CA VAL A 132 -4.04 21.80 4.68
C VAL A 132 -4.56 22.49 5.94
N SER A 133 -3.93 22.23 7.08
CA SER A 133 -4.32 22.87 8.34
C SER A 133 -4.32 24.39 8.20
N THR A 134 -3.22 24.94 7.65
CA THR A 134 -3.10 26.38 7.53
C THR A 134 -4.26 26.98 6.75
N VAL A 135 -4.60 26.37 5.61
CA VAL A 135 -5.73 26.85 4.82
C VAL A 135 -7.02 26.74 5.62
N LEU A 136 -7.30 25.55 6.16
CA LEU A 136 -8.55 25.32 6.86
C LEU A 136 -8.69 26.18 8.11
N THR A 137 -7.57 26.61 8.70
CA THR A 137 -7.62 27.48 9.87
C THR A 137 -7.57 28.96 9.54
N SER A 138 -7.21 29.31 8.31
CA SER A 138 -7.08 30.71 7.93
C SER A 138 -8.40 31.29 7.48
N LYS A 139 -8.57 32.59 7.72
CA LYS A 139 -9.82 33.28 7.44
C LYS A 139 -10.00 33.53 5.95
N TYR A 140 -9.22 34.46 5.40
CA TYR A 140 -9.19 34.84 3.98
C TYR A 140 -10.48 34.55 3.19
N VAL B 1 -0.08 13.47 33.91
CA VAL B 1 0.85 13.24 35.01
C VAL B 1 0.51 11.95 35.74
N HIS B 2 -0.78 11.58 35.74
CA HIS B 2 -1.26 10.40 36.45
C HIS B 2 -2.15 9.58 35.53
N LEU B 3 -1.71 8.36 35.23
CA LEU B 3 -2.50 7.45 34.42
C LEU B 3 -3.33 6.54 35.30
N THR B 4 -4.47 6.10 34.78
CA THR B 4 -5.14 4.96 35.38
C THR B 4 -4.27 3.72 35.22
N ASP B 5 -4.32 2.82 36.18
CA ASP B 5 -3.52 1.61 36.08
C ASP B 5 -3.90 0.77 34.86
N ALA B 6 -5.11 0.97 34.32
CA ALA B 6 -5.43 0.44 33.00
C ALA B 6 -4.51 1.05 31.95
N GLU B 7 -4.39 2.38 31.96
CA GLU B 7 -3.45 3.04 31.06
C GLU B 7 -2.01 2.64 31.37
N LYS B 8 -1.67 2.56 32.67
CA LYS B 8 -0.31 2.19 33.06
C LYS B 8 0.03 0.78 32.60
N ALA B 9 -0.90 -0.16 32.76
CA ALA B 9 -0.67 -1.52 32.27
C ALA B 9 -0.59 -1.55 30.75
N LEU B 10 -1.27 -0.62 30.07
CA LEU B 10 -1.21 -0.58 28.61
C LEU B 10 0.17 -0.17 28.12
N VAL B 11 0.83 0.77 28.82
CA VAL B 11 2.13 1.23 28.35
C VAL B 11 3.21 0.20 28.65
N THR B 12 3.21 -0.39 29.85
CA THR B 12 4.26 -1.34 30.19
C THR B 12 4.08 -2.65 29.45
N GLY B 13 2.83 -3.06 29.20
CA GLY B 13 2.57 -4.29 28.47
C GLY B 13 2.91 -4.22 27.00
N LEU B 14 2.83 -3.03 26.40
CA LEU B 14 3.22 -2.87 25.01
C LEU B 14 4.68 -2.47 24.84
N TRP B 15 5.30 -1.87 25.87
CA TRP B 15 6.73 -1.63 25.83
C TRP B 15 7.49 -2.94 25.77
N GLY B 16 7.03 -3.96 26.49
CA GLY B 16 7.67 -5.26 26.46
C GLY B 16 7.62 -5.95 25.12
N LYS B 17 6.75 -5.51 24.22
CA LYS B 17 6.61 -6.12 22.91
C LYS B 17 7.36 -5.37 21.81
N VAL B 18 8.20 -4.40 22.18
CA VAL B 18 9.04 -3.69 21.22
C VAL B 18 10.48 -3.76 21.71
N LYS B 19 11.41 -3.53 20.79
CA LYS B 19 12.81 -3.39 21.17
C LYS B 19 13.15 -1.92 21.34
N PRO B 20 13.32 -1.44 22.57
CA PRO B 20 13.49 0.01 22.77
C PRO B 20 14.59 0.65 21.94
N GLU B 21 15.63 -0.10 21.56
CA GLU B 21 16.75 0.50 20.85
C GLU B 21 16.36 1.01 19.47
N GLU B 22 15.51 0.26 18.75
CA GLU B 22 15.07 0.74 17.45
C GLU B 22 13.90 1.69 17.55
N ILE B 23 13.17 1.67 18.66
CA ILE B 23 12.19 2.74 18.90
C ILE B 23 12.91 4.07 19.01
N GLY B 24 14.02 4.11 19.76
CA GLY B 24 14.75 5.35 19.90
C GLY B 24 15.43 5.77 18.61
N GLY B 25 16.06 4.82 17.93
CA GLY B 25 16.75 5.15 16.68
C GLY B 25 15.79 5.71 15.63
N GLU B 26 14.65 5.06 15.44
CA GLU B 26 13.68 5.52 14.46
C GLU B 26 13.05 6.85 14.87
N ALA B 27 12.70 6.98 16.16
CA ALA B 27 12.07 8.21 16.63
C ALA B 27 12.99 9.40 16.45
N LEU B 28 14.23 9.29 16.93
CA LEU B 28 15.20 10.37 16.76
C LEU B 28 15.48 10.62 15.29
N GLY B 29 15.58 9.56 14.50
CA GLY B 29 15.78 9.73 13.08
C GLY B 29 14.60 10.39 12.40
N ARG B 30 13.38 10.04 12.83
CA ARG B 30 12.19 10.63 12.22
C ARG B 30 12.00 12.09 12.62
N LEU B 31 12.38 12.46 13.84
CA LEU B 31 12.41 13.87 14.22
C LEU B 31 13.29 14.66 13.27
N LEU B 32 14.50 14.12 13.00
CA LEU B 32 15.49 14.85 12.21
C LEU B 32 15.05 15.04 10.77
N ALA B 33 14.32 14.08 10.21
CA ALA B 33 13.83 14.19 8.84
C ALA B 33 12.53 14.98 8.74
N VAL B 34 11.64 14.86 9.74
CA VAL B 34 10.34 15.51 9.66
C VAL B 34 10.42 16.97 10.10
N TYR B 35 11.22 17.26 11.13
CA TYR B 35 11.42 18.61 11.65
C TYR B 35 12.91 18.92 11.52
N PRO B 36 13.36 19.30 10.32
CA PRO B 36 14.81 19.28 10.05
C PRO B 36 15.60 20.40 10.71
N TRP B 37 14.94 21.44 11.23
CA TRP B 37 15.68 22.43 12.01
C TRP B 37 16.30 21.80 13.25
N THR B 38 15.71 20.70 13.73
CA THR B 38 16.29 19.95 14.83
C THR B 38 17.71 19.51 14.54
N GLN B 39 18.09 19.42 13.27
CA GLN B 39 19.45 18.98 12.92
C GLN B 39 20.51 19.97 13.36
N ARG B 40 20.14 21.26 13.51
CA ARG B 40 21.11 22.26 13.94
C ARG B 40 21.81 21.85 15.22
N PHE B 41 21.07 21.25 16.15
CA PHE B 41 21.64 20.74 17.39
C PHE B 41 22.52 19.51 17.19
N PHE B 42 22.65 19.00 15.96
CA PHE B 42 23.39 17.77 15.71
C PHE B 42 24.37 17.99 14.54
N ASP B 43 25.40 18.79 14.78
CA ASP B 43 26.41 19.03 13.75
C ASP B 43 27.63 18.12 13.90
N SER B 44 27.95 17.68 15.11
CA SER B 44 28.99 16.69 15.29
C SER B 44 28.57 15.29 14.81
N PHE B 45 27.28 15.08 14.54
CA PHE B 45 26.77 13.77 14.16
C PHE B 45 27.04 13.41 12.72
N GLY B 46 27.68 14.28 11.95
CA GLY B 46 27.96 13.99 10.56
C GLY B 46 26.80 14.27 9.62
N ASP B 47 26.55 13.34 8.71
CA ASP B 47 25.68 13.59 7.56
C ASP B 47 24.21 13.44 7.96
N LEU B 48 23.46 14.53 7.80
CA LEU B 48 22.03 14.58 8.09
C LEU B 48 21.27 15.20 6.92
N SER B 49 21.79 15.04 5.70
CA SER B 49 21.28 15.80 4.56
C SER B 49 20.04 15.21 3.93
N SER B 50 19.79 13.90 4.11
CA SER B 50 18.65 13.25 3.49
C SER B 50 18.04 12.26 4.48
N ALA B 51 16.83 11.81 4.16
CA ALA B 51 16.15 10.81 4.98
C ALA B 51 16.99 9.55 5.12
N SER B 52 17.48 9.02 3.99
CA SER B 52 18.29 7.80 4.04
C SER B 52 19.57 8.00 4.83
N ALA B 53 20.15 9.20 4.75
CA ALA B 53 21.40 9.46 5.46
C ALA B 53 21.16 9.51 6.96
N ILE B 54 20.08 10.16 7.39
CA ILE B 54 19.72 10.16 8.80
C ILE B 54 19.47 8.75 9.30
N MET B 55 18.76 7.93 8.50
CA MET B 55 18.45 6.57 8.92
C MET B 55 19.68 5.67 8.90
N GLY B 56 20.66 5.98 8.06
CA GLY B 56 21.92 5.29 8.04
C GLY B 56 23.00 5.91 8.88
N ASN B 57 22.71 7.01 9.58
CA ASN B 57 23.68 7.69 10.43
C ASN B 57 23.87 6.88 11.70
N ALA B 58 25.09 6.40 11.91
CA ALA B 58 25.35 5.47 13.02
C ALA B 58 25.26 6.16 14.37
N LYS B 59 25.62 7.43 14.46
CA LYS B 59 25.55 8.11 15.76
C LYS B 59 24.13 8.54 16.11
N VAL B 60 23.25 8.70 15.11
CA VAL B 60 21.85 8.96 15.41
C VAL B 60 21.22 7.75 16.08
N LYS B 61 21.49 6.54 15.56
CA LYS B 61 21.03 5.32 16.23
C LYS B 61 21.61 5.22 17.63
N GLY B 62 22.91 5.46 17.77
CA GLY B 62 23.53 5.42 19.08
C GLY B 62 22.93 6.43 20.04
N HIS B 63 22.53 7.61 19.55
CA HIS B 63 21.93 8.60 20.43
C HIS B 63 20.48 8.27 20.74
N GLY B 64 19.81 7.54 19.85
CA GLY B 64 18.45 7.10 20.16
C GLY B 64 18.37 6.11 21.29
N LYS B 65 19.42 5.30 21.49
CA LYS B 65 19.48 4.41 22.65
C LYS B 65 19.65 5.19 23.94
N LYS B 66 20.45 6.26 23.92
CA LYS B 66 20.53 7.15 25.07
C LYS B 66 19.17 7.78 25.36
N VAL B 67 18.57 8.39 24.34
CA VAL B 67 17.25 9.00 24.49
C VAL B 67 16.25 7.96 25.00
N ILE B 68 16.21 6.79 24.34
CA ILE B 68 15.16 5.83 24.65
C ILE B 68 15.40 5.17 26.01
N ASP B 69 16.66 5.00 26.41
CA ASP B 69 16.94 4.41 27.72
C ASP B 69 16.50 5.33 28.84
N SER B 70 16.82 6.62 28.72
CA SER B 70 16.32 7.59 29.69
C SER B 70 14.80 7.66 29.64
N PHE B 71 14.22 7.49 28.45
CA PHE B 71 12.77 7.34 28.36
C PHE B 71 12.30 6.09 29.09
N GLY B 72 13.02 4.98 28.91
CA GLY B 72 12.67 3.76 29.63
C GLY B 72 12.64 3.98 31.13
N GLU B 73 13.59 4.74 31.66
CA GLU B 73 13.58 5.05 33.09
C GLU B 73 12.33 5.85 33.46
N GLY B 74 11.94 6.79 32.61
CA GLY B 74 10.70 7.52 32.84
C GLY B 74 9.51 6.58 33.01
N LEU B 75 9.52 5.46 32.29
CA LEU B 75 8.45 4.48 32.40
C LEU B 75 8.49 3.69 33.70
N LYS B 76 9.54 3.82 34.49
CA LYS B 76 9.63 3.15 35.78
C LYS B 76 9.21 4.04 36.93
N HIS B 77 9.01 5.34 36.71
CA HIS B 77 8.60 6.27 37.74
C HIS B 77 7.62 7.28 37.13
N LEU B 78 6.47 6.80 36.66
CA LEU B 78 5.47 7.69 36.09
C LEU B 78 4.89 8.68 37.11
N ASP B 79 5.13 8.45 38.40
CA ASP B 79 4.60 9.34 39.42
C ASP B 79 5.57 10.47 39.75
N ASN B 80 6.87 10.16 39.85
CA ASN B 80 7.89 11.20 39.95
C ASN B 80 8.57 11.39 38.60
N LEU B 81 7.77 11.79 37.61
CA LEU B 81 8.28 11.96 36.26
C LEU B 81 9.17 13.20 36.12
N LYS B 82 8.99 14.13 37.05
CA LYS B 82 9.77 15.36 37.16
C LYS B 82 11.24 15.25 37.64
N GLY B 83 11.49 14.38 38.62
CA GLY B 83 12.81 14.27 39.24
C GLY B 83 13.79 13.46 38.41
N THR B 84 13.31 12.43 37.70
CA THR B 84 14.21 11.62 36.89
C THR B 84 14.77 12.42 35.71
N PHE B 85 13.99 13.36 35.17
CA PHE B 85 14.41 14.14 34.01
C PHE B 85 14.99 15.49 34.38
N ALA B 86 15.15 15.80 35.67
CA ALA B 86 15.61 17.12 36.07
C ALA B 86 17.04 17.40 35.60
N SER B 87 17.88 16.38 35.56
CA SER B 87 19.22 16.56 35.00
C SER B 87 19.15 16.83 33.50
N LEU B 88 18.16 16.25 32.82
CA LEU B 88 18.05 16.38 31.38
C LEU B 88 17.46 17.73 30.99
N SER B 89 16.40 18.17 31.68
CA SER B 89 15.89 19.51 31.46
C SER B 89 16.96 20.56 31.75
N GLU B 90 17.69 20.40 32.85
CA GLU B 90 18.91 21.16 33.10
C GLU B 90 19.79 21.24 31.86
N LEU B 91 19.99 20.10 31.18
CA LEU B 91 20.99 20.01 30.12
C LEU B 91 20.47 20.56 28.80
N HIS B 92 19.19 20.31 28.48
CA HIS B 92 18.61 20.83 27.25
C HIS B 92 18.35 22.32 27.32
N CYS B 93 17.99 22.82 28.51
CA CYS B 93 17.65 24.24 28.64
C CYS B 93 18.90 25.12 28.60
N ASP B 94 19.80 24.90 29.55
CA ASP B 94 20.83 25.89 29.83
C ASP B 94 22.14 25.66 29.07
N LYS B 95 22.40 24.45 28.57
CA LYS B 95 23.64 24.20 27.85
C LYS B 95 23.46 23.98 26.35
N LEU B 96 22.29 23.52 25.91
CA LEU B 96 21.99 23.33 24.50
C LEU B 96 20.99 24.31 23.94
N HIS B 97 20.14 24.89 24.80
CA HIS B 97 19.11 25.86 24.38
C HIS B 97 18.13 25.25 23.39
N VAL B 98 17.67 24.03 23.69
CA VAL B 98 16.59 23.42 22.93
C VAL B 98 15.29 24.09 23.33
N ASP B 99 14.56 24.62 22.37
CA ASP B 99 13.25 25.21 22.66
C ASP B 99 12.32 24.11 23.18
N PRO B 100 11.56 24.36 24.25
CA PRO B 100 10.79 23.27 24.87
C PRO B 100 9.67 22.72 24.00
N GLU B 101 9.24 23.45 22.96
CA GLU B 101 8.23 22.91 22.05
C GLU B 101 8.73 21.66 21.34
N ASN B 102 10.05 21.56 21.13
CA ASN B 102 10.61 20.43 20.41
C ASN B 102 10.56 19.13 21.22
N PHE B 103 10.40 19.22 22.54
CA PHE B 103 10.27 18.00 23.34
C PHE B 103 8.98 17.27 23.00
N LYS B 104 7.92 18.02 22.71
CA LYS B 104 6.68 17.41 22.25
C LYS B 104 6.88 16.68 20.93
N LEU B 105 7.69 17.25 20.04
CA LEU B 105 7.85 16.68 18.71
C LEU B 105 8.51 15.31 18.78
N LEU B 106 9.56 15.18 19.60
CA LEU B 106 10.21 13.87 19.76
C LEU B 106 9.26 12.85 20.37
N GLY B 107 8.46 13.27 21.35
CA GLY B 107 7.49 12.37 21.93
C GLY B 107 6.46 11.91 20.92
N ASN B 108 6.08 12.80 20.00
CA ASN B 108 5.18 12.40 18.91
C ASN B 108 5.83 11.35 18.02
N MET B 109 7.14 11.47 17.79
CA MET B 109 7.84 10.46 16.98
C MET B 109 7.85 9.12 17.69
N ILE B 110 8.05 9.12 19.01
CA ILE B 110 7.97 7.88 19.79
C ILE B 110 6.59 7.26 19.66
N VAL B 111 5.54 8.07 19.65
CA VAL B 111 4.20 7.55 19.49
C VAL B 111 3.99 7.00 18.07
N ILE B 112 4.45 7.74 17.06
CA ILE B 112 4.28 7.27 15.70
C ILE B 112 5.08 5.98 15.47
N VAL B 113 6.27 5.89 16.06
CA VAL B 113 7.11 4.70 15.87
C VAL B 113 6.50 3.49 16.58
N MET B 114 5.97 3.68 17.80
CA MET B 114 5.29 2.59 18.47
C MET B 114 4.16 2.03 17.61
N ALA B 115 3.35 2.93 17.02
CA ALA B 115 2.31 2.50 16.09
C ALA B 115 2.90 1.76 14.91
N HIS B 116 4.02 2.26 14.38
CA HIS B 116 4.69 1.61 13.26
C HIS B 116 5.03 0.17 13.59
N HIS B 117 5.70 -0.05 14.73
CA HIS B 117 6.14 -1.39 15.10
C HIS B 117 4.97 -2.31 15.46
N LEU B 118 3.93 -1.78 16.10
CA LEU B 118 2.91 -2.61 16.74
C LEU B 118 1.65 -2.82 15.91
N GLY B 119 1.41 -2.00 14.89
CA GLY B 119 0.26 -2.22 14.04
C GLY B 119 -1.05 -2.12 14.79
N LYS B 120 -1.89 -3.14 14.62
CA LYS B 120 -3.24 -3.14 15.19
C LYS B 120 -3.21 -3.03 16.70
N ASP B 121 -2.21 -3.64 17.34
CA ASP B 121 -2.13 -3.66 18.79
C ASP B 121 -1.86 -2.30 19.40
N PHE B 122 -1.59 -1.28 18.58
CA PHE B 122 -1.46 0.10 19.07
C PHE B 122 -2.79 0.82 18.88
N THR B 123 -3.75 0.40 19.69
CA THR B 123 -5.12 0.90 19.63
C THR B 123 -5.19 2.36 20.05
N PRO B 124 -6.32 3.03 19.83
CA PRO B 124 -6.46 4.40 20.39
C PRO B 124 -6.27 4.45 21.89
N ALA B 125 -6.70 3.42 22.63
CA ALA B 125 -6.41 3.37 24.06
C ALA B 125 -4.91 3.29 24.31
N ALA B 126 -4.22 2.44 23.56
CA ALA B 126 -2.76 2.36 23.66
C ALA B 126 -2.12 3.70 23.40
N GLN B 127 -2.60 4.41 22.36
CA GLN B 127 -2.05 5.74 22.06
C GLN B 127 -2.44 6.75 23.13
N ALA B 128 -3.69 6.71 23.59
CA ALA B 128 -4.14 7.65 24.61
C ALA B 128 -3.23 7.61 25.84
N ALA B 129 -2.89 6.41 26.30
CA ALA B 129 -1.97 6.28 27.41
C ALA B 129 -0.59 6.83 27.05
N TYR B 130 0.01 6.32 25.97
CA TYR B 130 1.36 6.75 25.60
C TYR B 130 1.42 8.25 25.33
N GLN B 131 0.31 8.84 24.85
CA GLN B 131 0.27 10.29 24.72
C GLN B 131 0.45 10.97 26.07
N LYS B 132 -0.16 10.41 27.12
CA LYS B 132 0.00 10.97 28.45
C LYS B 132 1.43 10.84 28.93
N VAL B 133 2.10 9.75 28.57
CA VAL B 133 3.49 9.56 28.98
C VAL B 133 4.40 10.60 28.32
N VAL B 134 4.27 10.77 27.00
CA VAL B 134 5.14 11.71 26.31
C VAL B 134 4.80 13.14 26.67
N ALA B 135 3.51 13.42 26.93
CA ALA B 135 3.12 14.76 27.37
C ALA B 135 3.77 15.12 28.69
N GLY B 136 3.78 14.17 29.63
CA GLY B 136 4.37 14.43 30.93
C GLY B 136 5.88 14.48 30.90
N VAL B 137 6.50 13.64 30.08
CA VAL B 137 7.95 13.70 29.91
C VAL B 137 8.35 15.02 29.27
N ALA B 138 7.61 15.47 28.26
CA ALA B 138 7.92 16.73 27.60
C ALA B 138 7.81 17.90 28.57
N THR B 139 6.72 17.96 29.35
CA THR B 139 6.59 19.01 30.34
C THR B 139 7.67 18.91 31.41
N ALA B 140 8.14 17.69 31.71
CA ALA B 140 9.21 17.51 32.69
C ALA B 140 10.53 18.07 32.18
N LEU B 141 10.85 17.82 30.90
CA LEU B 141 12.04 18.38 30.29
C LEU B 141 11.95 19.90 30.12
N ALA B 142 10.84 20.48 30.48
CA ALA B 142 10.66 21.90 30.37
C ALA B 142 10.55 22.61 31.69
N HIS B 143 10.68 21.90 32.79
CA HIS B 143 10.51 22.54 34.07
C HIS B 143 11.52 23.58 34.48
N LYS B 144 12.57 23.73 33.73
CA LYS B 144 13.62 24.63 34.13
C LYS B 144 13.89 25.69 33.06
N TYR B 145 12.84 26.11 32.35
CA TYR B 145 12.96 27.07 31.26
C TYR B 145 12.45 28.41 31.77
N HIS B 146 13.36 29.16 32.40
CA HIS B 146 13.08 30.51 32.86
C HIS B 146 14.24 31.42 32.45
N VAL C 1 -10.54 -12.41 -28.32
CA VAL C 1 -9.21 -11.84 -28.13
C VAL C 1 -9.31 -10.52 -27.36
N LEU C 2 -8.40 -9.59 -27.65
CA LEU C 2 -8.32 -8.35 -26.89
C LEU C 2 -9.39 -7.36 -27.37
N SER C 3 -10.25 -6.93 -26.45
CA SER C 3 -11.25 -5.91 -26.74
C SER C 3 -10.59 -4.55 -26.90
N ALA C 4 -11.34 -3.56 -27.38
CA ALA C 4 -10.87 -2.20 -27.30
C ALA C 4 -10.83 -1.71 -25.85
N ASP C 5 -11.76 -2.19 -25.02
CA ASP C 5 -11.69 -1.94 -23.60
C ASP C 5 -10.42 -2.52 -23.01
N ASP C 6 -10.08 -3.75 -23.40
CA ASP C 6 -8.87 -4.39 -22.90
C ASP C 6 -7.62 -3.60 -23.30
N LYS C 7 -7.47 -3.28 -24.59
CA LYS C 7 -6.30 -2.53 -25.04
C LYS C 7 -6.22 -1.18 -24.33
N ALA C 8 -7.36 -0.51 -24.14
CA ALA C 8 -7.36 0.76 -23.42
C ALA C 8 -6.95 0.56 -21.96
N ASN C 9 -7.43 -0.51 -21.33
CA ASN C 9 -7.00 -0.84 -19.98
C ASN C 9 -5.50 -1.14 -19.96
N ILE C 10 -5.05 -1.99 -20.88
CA ILE C 10 -3.66 -2.43 -20.91
C ILE C 10 -2.72 -1.23 -21.05
N LYS C 11 -3.08 -0.28 -21.93
CA LYS C 11 -2.22 0.88 -22.13
C LYS C 11 -2.29 1.83 -20.94
N ALA C 12 -3.49 2.12 -20.44
CA ALA C 12 -3.63 2.96 -19.26
C ALA C 12 -2.84 2.38 -18.09
N ALA C 13 -2.82 1.05 -17.98
CA ALA C 13 -2.09 0.41 -16.89
C ALA C 13 -0.58 0.65 -17.02
N TRP C 14 -0.06 0.44 -18.22
CA TRP C 14 1.33 0.65 -18.48
C TRP C 14 1.74 2.09 -18.33
N GLY C 15 0.87 3.01 -18.72
CA GLY C 15 1.11 4.42 -18.45
C GLY C 15 1.19 4.71 -16.96
N LYS C 16 0.44 3.94 -16.17
CA LYS C 16 0.49 4.12 -14.72
C LYS C 16 1.85 3.73 -14.15
N ILE C 17 2.52 2.77 -14.78
CA ILE C 17 3.86 2.35 -14.38
C ILE C 17 4.87 3.40 -14.83
N GLY C 18 5.03 3.56 -16.14
CA GLY C 18 5.91 4.56 -16.69
C GLY C 18 7.36 4.40 -16.32
N GLY C 19 7.84 5.24 -15.39
CA GLY C 19 9.26 5.26 -15.09
C GLY C 19 9.77 4.01 -14.42
N HIS C 20 9.01 3.48 -13.45
CA HIS C 20 9.48 2.36 -12.63
C HIS C 20 9.24 1.02 -13.31
N GLY C 21 9.26 0.98 -14.65
CA GLY C 21 8.98 -0.26 -15.35
C GLY C 21 9.96 -1.37 -15.01
N ALA C 22 11.25 -1.05 -14.98
CA ALA C 22 12.27 -2.05 -14.67
C ALA C 22 12.12 -2.58 -13.25
N GLU C 23 11.64 -1.74 -12.32
CA GLU C 23 11.50 -2.16 -10.94
C GLU C 23 10.46 -3.27 -10.80
N TYR C 24 9.30 -3.10 -11.45
CA TYR C 24 8.25 -4.11 -11.32
C TYR C 24 8.66 -5.43 -11.93
N GLY C 25 9.32 -5.38 -13.10
CA GLY C 25 9.79 -6.61 -13.72
C GLY C 25 10.82 -7.33 -12.88
N ALA C 26 11.66 -6.57 -12.17
CA ALA C 26 12.59 -7.21 -11.25
C ALA C 26 11.87 -7.76 -10.02
N GLU C 27 10.84 -7.06 -9.56
CA GLU C 27 10.07 -7.57 -8.42
C GLU C 27 9.34 -8.85 -8.81
N ALA C 28 8.89 -8.95 -10.07
CA ALA C 28 8.09 -10.10 -10.47
C ALA C 28 8.95 -11.36 -10.59
N LEU C 29 10.19 -11.24 -11.06
CA LEU C 29 11.08 -12.39 -11.12
C LEU C 29 11.51 -12.81 -9.72
N GLU C 30 11.76 -11.84 -8.85
CA GLU C 30 12.03 -12.15 -7.44
C GLU C 30 10.86 -12.89 -6.81
N ARG C 31 9.63 -12.45 -7.10
CA ARG C 31 8.45 -13.16 -6.60
C ARG C 31 8.37 -14.56 -7.18
N MET C 32 8.69 -14.72 -8.46
CA MET C 32 8.62 -16.04 -9.08
C MET C 32 9.69 -16.96 -8.51
N PHE C 33 10.93 -16.47 -8.47
CA PHE C 33 12.03 -17.24 -7.89
C PHE C 33 11.73 -17.65 -6.46
N CYS C 34 11.16 -16.73 -5.68
CA CYS C 34 10.89 -17.03 -4.27
C CYS C 34 9.68 -17.95 -4.13
N SER C 35 8.59 -17.71 -4.89
CA SER C 35 7.38 -18.49 -4.74
C SER C 35 7.44 -19.82 -5.49
N PHE C 36 8.14 -19.88 -6.61
CA PHE C 36 8.22 -21.07 -7.45
C PHE C 36 9.69 -21.37 -7.73
N PRO C 37 10.39 -22.02 -6.79
CA PRO C 37 11.86 -22.12 -6.91
C PRO C 37 12.35 -22.95 -8.08
N THR C 38 11.52 -23.80 -8.68
CA THR C 38 11.97 -24.56 -9.84
C THR C 38 12.37 -23.63 -10.98
N THR C 39 11.71 -22.48 -11.11
CA THR C 39 12.02 -21.53 -12.17
C THR C 39 13.47 -21.07 -12.11
N LYS C 40 14.12 -21.15 -10.94
CA LYS C 40 15.51 -20.74 -10.84
C LYS C 40 16.45 -21.59 -11.69
N THR C 41 16.06 -22.82 -12.03
CA THR C 41 16.93 -23.70 -12.82
C THR C 41 17.11 -23.22 -14.26
N TYR C 42 16.25 -22.33 -14.76
CA TYR C 42 16.46 -21.71 -16.05
C TYR C 42 17.54 -20.64 -16.01
N PHE C 43 17.98 -20.24 -14.83
CA PHE C 43 18.99 -19.19 -14.68
C PHE C 43 20.15 -19.68 -13.82
N PRO C 44 20.83 -20.76 -14.22
CA PRO C 44 21.97 -21.22 -13.41
C PRO C 44 23.10 -20.21 -13.36
N HIS C 45 23.33 -19.52 -14.48
CA HIS C 45 24.36 -18.51 -14.58
C HIS C 45 24.04 -17.27 -13.73
N PHE C 46 22.81 -17.13 -13.28
CA PHE C 46 22.40 -15.97 -12.50
C PHE C 46 22.65 -16.22 -11.02
N ASP C 47 23.21 -15.22 -10.35
CA ASP C 47 22.98 -15.05 -8.92
C ASP C 47 21.52 -14.65 -8.75
N VAL C 48 20.69 -15.58 -8.28
CA VAL C 48 19.26 -15.35 -8.15
C VAL C 48 18.87 -14.86 -6.76
N SER C 49 19.85 -14.47 -5.95
CA SER C 49 19.56 -14.12 -4.57
C SER C 49 18.87 -12.76 -4.50
N PRO C 50 17.99 -12.56 -3.50
CA PRO C 50 17.25 -11.31 -3.35
C PRO C 50 18.08 -10.05 -3.53
N GLY C 51 17.75 -9.25 -4.55
CA GLY C 51 18.40 -7.98 -4.78
C GLY C 51 19.60 -8.02 -5.70
N SER C 52 19.88 -9.14 -6.34
CA SER C 52 21.08 -9.27 -7.16
C SER C 52 21.01 -8.39 -8.39
N ALA C 53 22.18 -7.99 -8.88
CA ALA C 53 22.25 -7.12 -10.04
C ALA C 53 21.80 -7.83 -11.31
N GLN C 54 22.09 -9.13 -11.43
CA GLN C 54 21.68 -9.87 -12.61
C GLN C 54 20.16 -9.85 -12.78
N VAL C 55 19.42 -9.97 -11.66
CA VAL C 55 17.97 -9.98 -11.73
C VAL C 55 17.42 -8.57 -11.91
N LYS C 56 18.06 -7.57 -11.30
CA LYS C 56 17.71 -6.18 -11.57
C LYS C 56 17.76 -5.88 -13.05
N GLY C 57 18.86 -6.26 -13.71
CA GLY C 57 18.99 -6.01 -15.13
C GLY C 57 18.07 -6.86 -15.98
N HIS C 58 17.79 -8.10 -15.55
CA HIS C 58 16.88 -8.93 -16.30
C HIS C 58 15.43 -8.47 -16.09
N GLY C 59 15.10 -8.01 -14.88
CA GLY C 59 13.82 -7.36 -14.68
C GLY C 59 13.59 -6.23 -15.65
N ALA C 60 14.63 -5.43 -15.91
CA ALA C 60 14.54 -4.33 -16.86
C ALA C 60 14.29 -4.86 -18.27
N LYS C 61 14.98 -5.94 -18.64
CA LYS C 61 14.80 -6.56 -19.95
C LYS C 61 13.35 -6.99 -20.17
N VAL C 62 12.80 -7.75 -19.23
CA VAL C 62 11.41 -8.19 -19.32
C VAL C 62 10.47 -7.00 -19.34
N ALA C 63 10.75 -6.00 -18.50
CA ALA C 63 9.96 -4.77 -18.50
C ALA C 63 9.93 -4.13 -19.88
N GLY C 64 11.10 -4.01 -20.49
CA GLY C 64 11.16 -3.41 -21.82
C GLY C 64 10.38 -4.20 -22.84
N ALA C 65 10.41 -5.53 -22.74
CA ALA C 65 9.64 -6.37 -23.66
C ALA C 65 8.15 -6.15 -23.50
N LEU C 66 7.66 -6.11 -22.25
CA LEU C 66 6.24 -5.94 -22.03
C LEU C 66 5.75 -4.57 -22.48
N ALA C 67 6.55 -3.53 -22.24
CA ALA C 67 6.22 -2.21 -22.77
C ALA C 67 6.09 -2.25 -24.29
N THR C 68 7.06 -2.90 -24.95
CA THR C 68 6.99 -3.07 -26.39
C THR C 68 5.73 -3.84 -26.80
N ALA C 69 5.43 -4.92 -26.08
CA ALA C 69 4.23 -5.69 -26.37
C ALA C 69 2.98 -4.84 -26.24
N ALA C 70 2.93 -3.97 -25.23
CA ALA C 70 1.80 -3.08 -25.05
C ALA C 70 1.65 -2.14 -26.24
N SER C 71 2.74 -1.51 -26.67
CA SER C 71 2.68 -0.58 -27.79
C SER C 71 2.46 -1.26 -29.14
N HIS C 72 2.37 -2.59 -29.17
CA HIS C 72 2.29 -3.34 -30.43
C HIS C 72 1.27 -4.47 -30.32
N LEU C 73 0.09 -4.15 -29.81
CA LEU C 73 -0.94 -5.16 -29.56
C LEU C 73 -1.54 -5.73 -30.83
N ASP C 74 -1.25 -5.18 -31.99
CA ASP C 74 -1.83 -5.64 -33.24
C ASP C 74 -0.89 -6.51 -34.05
N ASP C 75 0.35 -6.70 -33.61
CA ASP C 75 1.29 -7.61 -34.27
C ASP C 75 2.30 -8.11 -33.21
N LEU C 76 1.78 -8.71 -32.14
CA LEU C 76 2.62 -9.33 -31.13
C LEU C 76 3.59 -10.37 -31.71
N PRO C 77 3.18 -11.28 -32.60
CA PRO C 77 4.18 -12.19 -33.19
C PRO C 77 5.27 -11.47 -33.94
N ALA C 78 5.00 -10.27 -34.45
CA ALA C 78 6.01 -9.54 -35.22
C ALA C 78 6.98 -8.81 -34.31
N ALA C 79 6.48 -8.04 -33.35
CA ALA C 79 7.34 -7.28 -32.45
C ALA C 79 8.06 -8.16 -31.44
N LEU C 80 7.72 -9.45 -31.37
CA LEU C 80 8.30 -10.36 -30.38
C LEU C 80 8.82 -11.66 -30.99
N SER C 81 8.95 -11.72 -32.33
CA SER C 81 9.38 -12.96 -32.99
C SER C 81 10.75 -13.40 -32.50
N ALA C 82 11.65 -12.45 -32.27
CA ALA C 82 12.95 -12.78 -31.70
C ALA C 82 12.81 -13.45 -30.35
N LEU C 83 11.90 -12.96 -29.51
CA LEU C 83 11.77 -13.51 -28.16
C LEU C 83 11.13 -14.89 -28.17
N SER C 84 10.17 -15.12 -29.08
CA SER C 84 9.54 -16.43 -29.16
C SER C 84 10.53 -17.51 -29.57
N ASP C 85 11.41 -17.19 -30.52
CA ASP C 85 12.42 -18.15 -30.95
C ASP C 85 13.42 -18.49 -29.85
N LEU C 86 13.60 -17.62 -28.87
CA LEU C 86 14.63 -17.83 -27.86
C LEU C 86 14.10 -18.62 -26.67
N HIS C 87 12.91 -18.27 -26.17
CA HIS C 87 12.32 -19.02 -25.07
C HIS C 87 11.84 -20.39 -25.51
N ALA C 88 11.34 -20.50 -26.74
CA ALA C 88 10.68 -21.73 -27.14
C ALA C 88 11.62 -22.68 -27.88
N HIS C 89 12.36 -22.20 -28.87
CA HIS C 89 13.25 -23.10 -29.59
C HIS C 89 14.57 -23.30 -28.86
N LYS C 90 15.24 -22.22 -28.45
CA LYS C 90 16.54 -22.36 -27.79
C LYS C 90 16.39 -22.76 -26.32
N LEU C 91 15.75 -21.91 -25.52
CA LEU C 91 15.61 -22.17 -24.10
C LEU C 91 14.63 -23.32 -23.80
N ARG C 92 13.65 -23.56 -24.67
CA ARG C 92 12.61 -24.55 -24.46
C ARG C 92 12.04 -24.45 -23.04
N VAL C 93 11.48 -23.28 -22.74
CA VAL C 93 10.83 -23.07 -21.46
C VAL C 93 9.53 -23.86 -21.42
N ASP C 94 9.36 -24.63 -20.35
CA ASP C 94 8.08 -25.28 -20.09
C ASP C 94 6.97 -24.24 -20.07
N PRO C 95 5.88 -24.42 -20.81
CA PRO C 95 4.87 -23.37 -20.91
C PRO C 95 4.22 -23.00 -19.58
N VAL C 96 4.10 -23.94 -18.64
CA VAL C 96 3.51 -23.66 -17.34
C VAL C 96 4.24 -22.52 -16.64
N ASN C 97 5.50 -22.28 -16.98
CA ASN C 97 6.29 -21.26 -16.29
C ASN C 97 5.87 -19.85 -16.67
N PHE C 98 5.17 -19.68 -17.80
CA PHE C 98 4.69 -18.36 -18.17
C PHE C 98 3.46 -17.97 -17.37
N LYS C 99 2.60 -18.95 -17.07
CA LYS C 99 1.52 -18.73 -16.12
C LYS C 99 2.06 -18.28 -14.78
N LEU C 100 3.22 -18.81 -14.38
CA LEU C 100 3.79 -18.45 -13.08
C LEU C 100 4.30 -17.02 -13.08
N LEU C 101 5.12 -16.66 -14.07
CA LEU C 101 5.63 -15.30 -14.13
C LEU C 101 4.50 -14.30 -14.32
N SER C 102 3.55 -14.60 -15.20
CA SER C 102 2.38 -13.75 -15.36
C SER C 102 1.68 -13.53 -14.03
N HIS C 103 1.45 -14.63 -13.29
CA HIS C 103 0.82 -14.52 -11.97
C HIS C 103 1.61 -13.59 -11.06
N CYS C 104 2.94 -13.64 -11.12
CA CYS C 104 3.76 -12.77 -10.28
C CYS C 104 3.76 -11.32 -10.79
N LEU C 105 3.70 -11.12 -12.11
CA LEU C 105 3.58 -9.77 -12.63
C LEU C 105 2.27 -9.12 -12.20
N LEU C 106 1.20 -9.91 -12.14
CA LEU C 106 -0.08 -9.37 -11.67
C LEU C 106 -0.01 -8.97 -10.20
N VAL C 107 0.61 -9.81 -9.37
CA VAL C 107 0.70 -9.52 -7.94
C VAL C 107 1.49 -8.24 -7.70
N THR C 108 2.55 -8.01 -8.48
CA THR C 108 3.32 -6.77 -8.35
C THR C 108 2.45 -5.55 -8.64
N LEU C 109 1.71 -5.58 -9.76
CA LEU C 109 0.86 -4.45 -10.12
C LEU C 109 -0.20 -4.20 -9.06
N ALA C 110 -0.79 -5.28 -8.51
CA ALA C 110 -1.79 -5.12 -7.47
C ALA C 110 -1.20 -4.52 -6.21
N ALA C 111 0.06 -4.83 -5.89
CA ALA C 111 0.68 -4.35 -4.67
C ALA C 111 1.20 -2.92 -4.79
N HIS C 112 1.39 -2.42 -6.01
CA HIS C 112 1.93 -1.08 -6.23
C HIS C 112 0.90 -0.06 -6.70
N HIS C 113 -0.11 -0.49 -7.45
CA HIS C 113 -1.16 0.41 -7.96
C HIS C 113 -2.52 -0.14 -7.55
N PRO C 114 -2.87 -0.05 -6.26
CA PRO C 114 -4.13 -0.66 -5.80
C PRO C 114 -5.37 -0.06 -6.43
N ALA C 115 -5.43 1.27 -6.55
CA ALA C 115 -6.61 1.91 -7.12
C ALA C 115 -6.82 1.53 -8.58
N GLU C 116 -5.73 1.36 -9.33
CA GLU C 116 -5.85 1.07 -10.75
C GLU C 116 -6.23 -0.39 -11.01
N PHE C 117 -5.76 -1.31 -10.17
CA PHE C 117 -5.93 -2.74 -10.40
C PHE C 117 -7.37 -3.14 -10.05
N THR C 118 -8.31 -2.67 -10.86
CA THR C 118 -9.71 -3.01 -10.72
C THR C 118 -9.98 -4.38 -11.33
N PRO C 119 -11.06 -5.06 -10.93
CA PRO C 119 -11.40 -6.34 -11.55
C PRO C 119 -11.43 -6.31 -13.07
N ALA C 120 -11.83 -5.18 -13.67
CA ALA C 120 -11.87 -5.09 -15.12
C ALA C 120 -10.48 -4.95 -15.72
N VAL C 121 -9.62 -4.15 -15.09
CA VAL C 121 -8.24 -4.02 -15.56
C VAL C 121 -7.49 -5.33 -15.34
N HIS C 122 -7.75 -6.00 -14.23
CA HIS C 122 -7.14 -7.30 -13.96
C HIS C 122 -7.51 -8.30 -15.07
N ALA C 123 -8.78 -8.34 -15.46
CA ALA C 123 -9.20 -9.25 -16.52
C ALA C 123 -8.51 -8.92 -17.84
N SER C 124 -8.42 -7.62 -18.18
CA SER C 124 -7.70 -7.23 -19.38
C SER C 124 -6.23 -7.59 -19.30
N LEU C 125 -5.60 -7.31 -18.15
CA LEU C 125 -4.18 -7.59 -17.98
C LEU C 125 -3.90 -9.07 -18.06
N ASP C 126 -4.77 -9.90 -17.48
CA ASP C 126 -4.58 -11.34 -17.54
C ASP C 126 -4.65 -11.83 -18.99
N LYS C 127 -5.55 -11.24 -19.76
CA LYS C 127 -5.61 -11.52 -21.19
C LYS C 127 -4.31 -11.12 -21.88
N PHE C 128 -3.78 -9.94 -21.53
CA PHE C 128 -2.56 -9.43 -22.15
C PHE C 128 -1.39 -10.39 -21.94
N LEU C 129 -1.14 -10.76 -20.68
CA LEU C 129 -0.02 -11.65 -20.38
C LEU C 129 -0.17 -12.99 -21.08
N ALA C 130 -1.40 -13.52 -21.09
CA ALA C 130 -1.67 -14.74 -21.85
C ALA C 130 -1.29 -14.55 -23.32
N SER C 131 -1.65 -13.40 -23.90
CA SER C 131 -1.28 -13.12 -25.29
C SER C 131 0.23 -13.17 -25.48
N VAL C 132 0.97 -12.49 -24.59
CA VAL C 132 2.43 -12.58 -24.63
C VAL C 132 2.88 -14.02 -24.44
N SER C 133 2.29 -14.71 -23.47
CA SER C 133 2.66 -16.10 -23.23
C SER C 133 2.37 -16.97 -24.45
N THR C 134 1.28 -16.69 -25.16
CA THR C 134 0.95 -17.49 -26.34
C THR C 134 2.00 -17.29 -27.42
N VAL C 135 2.28 -16.04 -27.77
CA VAL C 135 3.26 -15.75 -28.81
C VAL C 135 4.66 -16.20 -28.38
N LEU C 136 4.98 -16.15 -27.12
CA LEU C 136 6.27 -16.58 -26.64
C LEU C 136 6.56 -18.07 -26.70
N THR C 137 5.52 -18.86 -26.55
CA THR C 137 5.64 -20.31 -26.45
C THR C 137 5.11 -21.00 -27.70
N SER C 138 5.13 -20.33 -28.83
CA SER C 138 4.42 -20.82 -30.01
C SER C 138 5.33 -21.45 -31.03
N LYS C 139 6.64 -21.46 -30.78
CA LYS C 139 7.62 -21.93 -31.74
C LYS C 139 8.58 -22.89 -30.99
N TYR C 140 8.08 -24.09 -30.68
CA TYR C 140 8.92 -25.11 -30.02
C TYR C 140 9.52 -26.06 -31.06
N VAL D 1 3.37 -28.14 0.45
CA VAL D 1 2.68 -27.43 1.51
C VAL D 1 3.19 -27.93 2.87
N HIS D 2 4.39 -27.50 3.22
CA HIS D 2 5.08 -27.87 4.46
C HIS D 2 5.82 -26.62 4.90
N LEU D 3 5.16 -25.82 5.73
CA LEU D 3 5.63 -24.46 6.02
C LEU D 3 6.51 -24.44 7.25
N THR D 4 7.51 -23.57 7.23
CA THR D 4 8.32 -23.29 8.41
C THR D 4 7.54 -22.43 9.40
N ASP D 5 8.03 -22.38 10.64
CA ASP D 5 7.41 -21.51 11.63
C ASP D 5 7.41 -20.06 11.17
N ALA D 6 8.50 -19.62 10.54
CA ALA D 6 8.56 -18.27 10.02
C ALA D 6 7.49 -18.04 8.95
N GLU D 7 7.30 -19.02 8.06
CA GLU D 7 6.31 -18.89 7.01
C GLU D 7 4.90 -18.81 7.56
N LYS D 8 4.60 -19.59 8.62
CA LYS D 8 3.27 -19.56 9.22
C LYS D 8 3.04 -18.28 10.00
N ALA D 9 4.08 -17.76 10.65
CA ALA D 9 4.00 -16.43 11.24
C ALA D 9 3.65 -15.39 10.19
N LEU D 10 4.15 -15.59 9.00
CA LEU D 10 3.83 -14.75 7.92
C LEU D 10 2.38 -14.86 7.44
N VAL D 11 1.91 -16.07 7.22
CA VAL D 11 0.52 -16.32 6.84
C VAL D 11 -0.43 -15.80 7.91
N THR D 12 -0.15 -16.13 9.18
CA THR D 12 -1.02 -15.71 10.26
C THR D 12 -0.97 -14.19 10.45
N GLY D 13 0.22 -13.60 10.37
CA GLY D 13 0.35 -12.18 10.66
C GLY D 13 -0.40 -11.33 9.66
N LEU D 14 -0.23 -11.60 8.37
CA LEU D 14 -0.93 -10.82 7.35
C LEU D 14 -2.42 -11.07 7.39
N TRP D 15 -2.85 -12.28 7.80
CA TRP D 15 -4.27 -12.59 7.81
C TRP D 15 -5.02 -11.74 8.82
N GLY D 16 -4.38 -11.45 9.95
CA GLY D 16 -4.97 -10.54 10.93
C GLY D 16 -5.04 -9.10 10.48
N LYS D 17 -4.48 -8.77 9.31
CA LYS D 17 -4.42 -7.41 8.82
C LYS D 17 -5.35 -7.16 7.64
N VAL D 18 -6.11 -8.15 7.22
CA VAL D 18 -7.08 -7.97 6.16
C VAL D 18 -8.48 -8.20 6.74
N LYS D 19 -9.48 -7.73 5.99
CA LYS D 19 -10.87 -8.04 6.30
C LYS D 19 -11.25 -9.31 5.54
N PRO D 20 -11.26 -10.47 6.19
CA PRO D 20 -11.42 -11.73 5.45
C PRO D 20 -12.67 -11.78 4.58
N GLU D 21 -13.75 -11.10 4.95
CA GLU D 21 -14.92 -11.05 4.08
C GLU D 21 -14.58 -10.35 2.76
N GLU D 22 -13.89 -9.22 2.82
CA GLU D 22 -13.58 -8.47 1.61
C GLU D 22 -12.65 -9.25 0.70
N ILE D 23 -11.70 -9.99 1.28
CA ILE D 23 -10.80 -10.82 0.49
C ILE D 23 -11.58 -11.91 -0.24
N GLY D 24 -12.50 -12.57 0.46
CA GLY D 24 -13.24 -13.66 -0.16
C GLY D 24 -14.21 -13.19 -1.23
N GLY D 25 -14.89 -12.08 -0.99
CA GLY D 25 -15.78 -11.54 -2.00
C GLY D 25 -15.05 -11.07 -3.24
N GLU D 26 -13.88 -10.45 -3.04
CA GLU D 26 -13.12 -9.93 -4.18
C GLU D 26 -12.43 -11.05 -4.96
N ALA D 27 -11.92 -12.07 -4.26
CA ALA D 27 -11.28 -13.17 -4.97
C ALA D 27 -12.29 -13.94 -5.81
N LEU D 28 -13.43 -14.28 -5.21
CA LEU D 28 -14.48 -14.97 -5.97
C LEU D 28 -14.98 -14.12 -7.13
N GLY D 29 -15.17 -12.81 -6.88
CA GLY D 29 -15.59 -11.93 -7.96
C GLY D 29 -14.58 -11.87 -9.09
N ARG D 30 -13.31 -11.69 -8.74
CA ARG D 30 -12.28 -11.65 -9.77
C ARG D 30 -12.18 -12.98 -10.50
N LEU D 31 -12.31 -14.10 -9.77
CA LEU D 31 -12.38 -15.41 -10.42
C LEU D 31 -13.45 -15.42 -11.51
N LEU D 32 -14.62 -14.86 -11.22
CA LEU D 32 -15.72 -14.94 -12.17
C LEU D 32 -15.49 -14.03 -13.37
N ALA D 33 -14.87 -12.87 -13.16
CA ALA D 33 -14.66 -11.92 -14.24
C ALA D 33 -13.39 -12.21 -15.04
N VAL D 34 -12.39 -12.84 -14.42
CA VAL D 34 -11.15 -13.15 -15.13
C VAL D 34 -11.21 -14.53 -15.81
N TYR D 35 -11.92 -15.49 -15.24
CA TYR D 35 -12.05 -16.84 -15.82
C TYR D 35 -13.53 -17.14 -15.99
N PRO D 36 -14.14 -16.66 -17.08
CA PRO D 36 -15.61 -16.62 -17.14
C PRO D 36 -16.30 -17.98 -17.18
N TRP D 37 -15.63 -19.04 -17.65
CA TRP D 37 -16.24 -20.36 -17.65
C TRP D 37 -16.64 -20.82 -16.25
N THR D 38 -16.01 -20.28 -15.21
CA THR D 38 -16.41 -20.61 -13.84
C THR D 38 -17.81 -20.09 -13.51
N GLN D 39 -18.32 -19.12 -14.27
CA GLN D 39 -19.65 -18.57 -14.00
C GLN D 39 -20.73 -19.63 -14.13
N ARG D 40 -20.47 -20.68 -14.92
CA ARG D 40 -21.48 -21.67 -15.24
C ARG D 40 -21.91 -22.46 -14.01
N PHE D 41 -21.05 -22.54 -13.00
CA PHE D 41 -21.40 -23.20 -11.74
C PHE D 41 -22.30 -22.34 -10.86
N PHE D 42 -22.52 -21.08 -11.22
CA PHE D 42 -23.22 -20.13 -10.36
C PHE D 42 -24.45 -19.58 -11.06
N ASP D 43 -25.21 -20.45 -11.74
CA ASP D 43 -26.41 -20.02 -12.46
C ASP D 43 -27.41 -19.33 -11.52
N SER D 44 -27.55 -19.83 -10.31
CA SER D 44 -28.49 -19.30 -9.34
C SER D 44 -28.05 -17.96 -8.75
N PHE D 45 -26.91 -17.42 -9.17
CA PHE D 45 -26.40 -16.19 -8.59
C PHE D 45 -26.88 -14.94 -9.33
N GLY D 46 -27.68 -15.10 -10.37
CA GLY D 46 -28.19 -13.95 -11.08
C GLY D 46 -27.17 -13.32 -12.00
N ASP D 47 -27.29 -12.01 -12.15
CA ASP D 47 -26.51 -11.26 -13.14
C ASP D 47 -25.01 -11.33 -12.84
N LEU D 48 -24.24 -11.90 -13.77
CA LEU D 48 -22.79 -11.89 -13.73
C LEU D 48 -22.23 -11.39 -15.05
N SER D 49 -22.97 -10.51 -15.73
CA SER D 49 -22.69 -10.15 -17.12
C SER D 49 -21.55 -9.15 -17.28
N SER D 50 -21.12 -8.48 -16.20
CA SER D 50 -20.00 -7.56 -16.27
C SER D 50 -19.19 -7.69 -14.99
N ALA D 51 -17.98 -7.11 -15.02
CA ALA D 51 -17.17 -7.05 -13.81
C ALA D 51 -17.89 -6.33 -12.69
N SER D 52 -18.57 -5.22 -13.01
CA SER D 52 -19.31 -4.49 -11.99
C SER D 52 -20.57 -5.22 -11.56
N ALA D 53 -21.22 -5.95 -12.47
CA ALA D 53 -22.31 -6.83 -12.06
C ALA D 53 -21.80 -7.88 -11.09
N ILE D 54 -20.69 -8.53 -11.43
CA ILE D 54 -20.11 -9.55 -10.57
C ILE D 54 -19.70 -8.96 -9.22
N MET D 55 -19.13 -7.75 -9.23
CA MET D 55 -18.66 -7.15 -7.98
C MET D 55 -19.80 -6.55 -7.15
N GLY D 56 -20.93 -6.23 -7.77
CA GLY D 56 -22.10 -5.80 -7.04
C GLY D 56 -23.14 -6.90 -6.80
N ASN D 57 -22.79 -8.15 -7.09
CA ASN D 57 -23.72 -9.26 -6.89
C ASN D 57 -23.70 -9.66 -5.42
N ALA D 58 -24.86 -9.56 -4.75
CA ALA D 58 -24.91 -9.85 -3.33
C ALA D 58 -24.62 -11.32 -3.04
N LYS D 59 -24.95 -12.21 -3.97
CA LYS D 59 -24.69 -13.63 -3.74
C LYS D 59 -23.20 -13.94 -3.82
N VAL D 60 -22.47 -13.29 -4.72
CA VAL D 60 -21.03 -13.50 -4.84
C VAL D 60 -20.34 -13.08 -3.54
N LYS D 61 -20.59 -11.84 -3.11
CA LYS D 61 -20.16 -11.35 -1.81
C LYS D 61 -20.44 -12.36 -0.71
N GLY D 62 -21.70 -12.81 -0.61
CA GLY D 62 -22.05 -13.77 0.42
C GLY D 62 -21.34 -15.10 0.25
N HIS D 63 -21.24 -15.58 -0.99
CA HIS D 63 -20.54 -16.84 -1.19
C HIS D 63 -19.04 -16.68 -1.00
N GLY D 64 -18.50 -15.50 -1.30
CA GLY D 64 -17.11 -15.24 -1.01
C GLY D 64 -16.79 -15.39 0.46
N LYS D 65 -17.75 -15.02 1.32
CA LYS D 65 -17.58 -15.20 2.76
C LYS D 65 -17.50 -16.68 3.12
N LYS D 66 -18.40 -17.50 2.57
CA LYS D 66 -18.34 -18.94 2.81
C LYS D 66 -17.00 -19.52 2.38
N VAL D 67 -16.50 -19.09 1.21
CA VAL D 67 -15.22 -19.60 0.71
C VAL D 67 -14.09 -19.16 1.64
N ILE D 68 -14.08 -17.88 2.02
CA ILE D 68 -12.97 -17.35 2.80
C ILE D 68 -12.99 -17.87 4.24
N ASP D 69 -14.17 -18.21 4.77
CA ASP D 69 -14.24 -18.83 6.09
C ASP D 69 -13.51 -20.16 6.09
N SER D 70 -13.84 -21.04 5.15
CA SER D 70 -13.16 -22.33 5.05
C SER D 70 -11.66 -22.13 4.86
N PHE D 71 -11.27 -21.16 4.04
CA PHE D 71 -9.85 -20.82 3.90
C PHE D 71 -9.27 -20.38 5.24
N GLY D 72 -10.00 -19.50 5.95
CA GLY D 72 -9.51 -19.02 7.23
C GLY D 72 -9.42 -20.13 8.27
N GLU D 73 -10.35 -21.08 8.22
CA GLU D 73 -10.27 -22.23 9.10
C GLU D 73 -9.09 -23.13 8.74
N GLY D 74 -8.75 -23.20 7.46
CA GLY D 74 -7.61 -24.02 7.06
C GLY D 74 -6.30 -23.52 7.62
N LEU D 75 -6.21 -22.22 7.90
CA LEU D 75 -4.97 -21.64 8.39
C LEU D 75 -4.67 -22.04 9.83
N LYS D 76 -5.67 -22.54 10.55
CA LYS D 76 -5.47 -23.13 11.87
C LYS D 76 -5.22 -24.63 11.80
N HIS D 77 -5.26 -25.23 10.60
CA HIS D 77 -5.07 -26.66 10.42
C HIS D 77 -4.10 -26.94 9.27
N LEU D 78 -3.10 -26.08 9.09
CA LEU D 78 -2.19 -26.19 7.95
C LEU D 78 -1.48 -27.54 7.89
N ASP D 79 -1.39 -28.25 9.01
CA ASP D 79 -0.79 -29.57 9.05
C ASP D 79 -1.82 -30.69 8.91
N ASN D 80 -3.01 -30.38 8.40
CA ASN D 80 -3.99 -31.38 8.02
C ASN D 80 -5.05 -30.77 7.12
N LEU D 81 -4.62 -30.15 6.03
CA LEU D 81 -5.55 -29.55 5.09
C LEU D 81 -6.47 -30.58 4.46
N LYS D 82 -5.98 -31.82 4.29
CA LYS D 82 -6.81 -32.84 3.66
C LYS D 82 -8.02 -33.19 4.51
N GLY D 83 -7.81 -33.37 5.82
CA GLY D 83 -8.93 -33.74 6.68
C GLY D 83 -9.95 -32.64 6.84
N THR D 84 -9.48 -31.39 6.94
CA THR D 84 -10.39 -30.25 7.11
C THR D 84 -11.05 -29.82 5.81
N PHE D 85 -10.71 -30.46 4.67
CA PHE D 85 -11.32 -30.15 3.40
C PHE D 85 -11.94 -31.36 2.72
N ALA D 86 -11.94 -32.52 3.37
CA ALA D 86 -12.41 -33.74 2.72
C ALA D 86 -13.90 -33.64 2.37
N SER D 87 -14.72 -33.19 3.32
CA SER D 87 -16.15 -33.09 3.07
C SER D 87 -16.44 -32.03 2.01
N LEU D 88 -15.68 -30.93 2.02
CA LEU D 88 -15.78 -29.95 0.94
C LEU D 88 -15.28 -30.53 -0.37
N SER D 89 -14.31 -31.44 -0.31
CA SER D 89 -13.76 -32.05 -1.52
C SER D 89 -14.82 -32.91 -2.22
N GLU D 90 -15.35 -33.91 -1.49
CA GLU D 90 -16.37 -34.77 -2.08
C GLU D 90 -17.58 -33.98 -2.56
N LEU D 91 -17.88 -32.86 -1.90
CA LEU D 91 -18.95 -31.98 -2.37
C LEU D 91 -18.62 -31.39 -3.72
N HIS D 92 -17.43 -30.84 -3.87
CA HIS D 92 -17.00 -30.27 -5.15
C HIS D 92 -16.84 -31.28 -6.25
N CYS D 93 -16.62 -32.49 -5.86
CA CYS D 93 -16.50 -33.49 -6.82
C CYS D 93 -17.81 -34.16 -7.22
N ASP D 94 -18.30 -35.05 -6.39
CA ASP D 94 -19.43 -35.91 -6.72
C ASP D 94 -20.77 -35.18 -6.84
N LYS D 95 -20.75 -33.85 -6.77
CA LYS D 95 -21.98 -33.06 -6.79
C LYS D 95 -21.89 -31.91 -7.78
N LEU D 96 -20.92 -31.02 -7.57
CA LEU D 96 -20.78 -29.81 -8.38
C LEU D 96 -19.90 -29.99 -9.61
N HIS D 97 -19.16 -31.11 -9.68
CA HIS D 97 -18.29 -31.47 -10.80
C HIS D 97 -17.46 -30.28 -11.31
N VAL D 98 -16.72 -29.68 -10.38
CA VAL D 98 -15.76 -28.63 -10.70
C VAL D 98 -14.43 -29.30 -10.98
N ASP D 99 -13.76 -28.89 -12.05
CA ASP D 99 -12.45 -29.48 -12.34
C ASP D 99 -11.41 -28.93 -11.37
N PRO D 100 -10.61 -29.79 -10.73
CA PRO D 100 -9.71 -29.31 -9.67
C PRO D 100 -8.74 -28.23 -10.11
N GLU D 101 -8.44 -28.11 -11.40
CA GLU D 101 -7.57 -27.02 -11.85
C GLU D 101 -8.10 -25.65 -11.42
N ASN D 102 -9.42 -25.50 -11.36
CA ASN D 102 -10.01 -24.22 -10.95
C ASN D 102 -9.72 -23.88 -9.50
N PHE D 103 -9.38 -24.87 -8.67
CA PHE D 103 -9.04 -24.59 -7.27
C PHE D 103 -7.81 -23.67 -7.18
N LYS D 104 -6.77 -23.97 -7.97
CA LYS D 104 -5.58 -23.14 -7.97
C LYS D 104 -5.89 -21.73 -8.46
N LEU D 105 -6.79 -21.60 -9.45
CA LEU D 105 -7.16 -20.29 -9.96
C LEU D 105 -7.77 -19.43 -8.86
N LEU D 106 -8.74 -19.98 -8.12
CA LEU D 106 -9.28 -19.26 -6.99
C LEU D 106 -8.22 -19.04 -5.91
N GLY D 107 -7.33 -20.02 -5.73
CA GLY D 107 -6.20 -19.81 -4.84
C GLY D 107 -5.33 -18.64 -5.26
N ASN D 108 -5.11 -18.49 -6.56
CA ASN D 108 -4.33 -17.35 -7.04
C ASN D 108 -5.12 -16.05 -6.93
N MET D 109 -6.46 -16.12 -7.02
CA MET D 109 -7.26 -14.93 -6.77
C MET D 109 -7.05 -14.41 -5.35
N ILE D 110 -7.12 -15.31 -4.36
CA ILE D 110 -6.90 -14.93 -2.97
C ILE D 110 -5.54 -14.24 -2.83
N VAL D 111 -4.50 -14.87 -3.39
CA VAL D 111 -3.15 -14.31 -3.33
C VAL D 111 -3.13 -12.90 -3.90
N ILE D 112 -3.73 -12.72 -5.08
CA ILE D 112 -3.71 -11.42 -5.72
C ILE D 112 -4.50 -10.39 -4.92
N VAL D 113 -5.62 -10.81 -4.32
CA VAL D 113 -6.38 -9.86 -3.50
C VAL D 113 -5.60 -9.48 -2.24
N MET D 114 -4.85 -10.41 -1.67
CA MET D 114 -4.02 -10.07 -0.51
C MET D 114 -3.01 -8.99 -0.87
N ALA D 115 -2.31 -9.15 -2.00
CA ALA D 115 -1.37 -8.12 -2.45
C ALA D 115 -2.09 -6.79 -2.67
N HIS D 116 -3.26 -6.84 -3.31
CA HIS D 116 -4.04 -5.63 -3.56
C HIS D 116 -4.36 -4.91 -2.24
N HIS D 117 -4.72 -5.67 -1.20
CA HIS D 117 -5.08 -5.08 0.08
C HIS D 117 -3.86 -4.68 0.91
N LEU D 118 -2.80 -5.49 0.88
CA LEU D 118 -1.66 -5.28 1.75
C LEU D 118 -0.53 -4.47 1.11
N GLY D 119 -0.50 -4.38 -0.22
CA GLY D 119 0.51 -3.55 -0.86
C GLY D 119 1.91 -4.05 -0.62
N LYS D 120 2.82 -3.12 -0.29
CA LYS D 120 4.23 -3.47 -0.13
C LYS D 120 4.46 -4.41 1.05
N ASP D 121 3.54 -4.46 2.02
CA ASP D 121 3.68 -5.41 3.12
C ASP D 121 3.47 -6.85 2.67
N PHE D 122 2.88 -7.07 1.50
CA PHE D 122 2.74 -8.41 0.94
C PHE D 122 3.99 -8.74 0.13
N THR D 123 5.07 -8.99 0.88
CA THR D 123 6.42 -9.15 0.34
C THR D 123 6.54 -10.46 -0.44
N PRO D 124 7.65 -10.64 -1.18
CA PRO D 124 7.84 -11.93 -1.88
C PRO D 124 7.83 -13.13 -0.95
N ALA D 125 8.44 -13.00 0.24
CA ALA D 125 8.38 -14.08 1.22
C ALA D 125 6.96 -14.26 1.75
N ALA D 126 6.21 -13.17 1.86
CA ALA D 126 4.81 -13.26 2.21
C ALA D 126 4.03 -14.05 1.16
N GLN D 127 4.15 -13.64 -0.10
CA GLN D 127 3.46 -14.34 -1.19
C GLN D 127 3.90 -15.79 -1.26
N ALA D 128 5.20 -16.05 -1.04
CA ALA D 128 5.70 -17.42 -1.11
C ALA D 128 4.99 -18.32 -0.12
N ALA D 129 4.86 -17.87 1.13
CA ALA D 129 4.18 -18.67 2.13
C ALA D 129 2.72 -18.88 1.76
N TYR D 130 2.08 -17.87 1.17
CA TYR D 130 0.67 -18.00 0.81
C TYR D 130 0.48 -18.89 -0.42
N GLN D 131 1.47 -18.93 -1.31
CA GLN D 131 1.40 -19.86 -2.43
C GLN D 131 1.49 -21.30 -1.94
N LYS D 132 2.32 -21.55 -0.93
CA LYS D 132 2.34 -22.87 -0.31
C LYS D 132 1.00 -23.21 0.32
N VAL D 133 0.35 -22.22 0.93
CA VAL D 133 -0.95 -22.46 1.57
C VAL D 133 -1.99 -22.81 0.51
N VAL D 134 -2.20 -21.92 -0.46
CA VAL D 134 -3.26 -22.12 -1.44
C VAL D 134 -3.03 -23.39 -2.26
N ALA D 135 -1.76 -23.76 -2.48
CA ALA D 135 -1.48 -25.04 -3.11
C ALA D 135 -2.00 -26.19 -2.27
N GLY D 136 -1.75 -26.14 -0.96
CA GLY D 136 -2.28 -27.16 -0.07
C GLY D 136 -3.79 -27.21 -0.04
N VAL D 137 -4.44 -26.04 -0.14
CA VAL D 137 -5.90 -26.00 -0.21
C VAL D 137 -6.38 -26.69 -1.49
N ALA D 138 -5.86 -26.25 -2.64
CA ALA D 138 -6.28 -26.80 -3.92
C ALA D 138 -6.02 -28.31 -4.00
N THR D 139 -4.97 -28.78 -3.33
CA THR D 139 -4.66 -30.21 -3.32
C THR D 139 -5.58 -30.97 -2.36
N ALA D 140 -6.00 -30.33 -1.26
CA ALA D 140 -6.93 -30.97 -0.34
C ALA D 140 -8.34 -31.02 -0.90
N LEU D 141 -8.73 -30.04 -1.70
CA LEU D 141 -10.00 -30.09 -2.40
C LEU D 141 -10.01 -31.09 -3.54
N ALA D 142 -8.84 -31.58 -3.96
CA ALA D 142 -8.73 -32.49 -5.08
C ALA D 142 -8.54 -33.94 -4.67
N HIS D 143 -8.32 -34.22 -3.39
CA HIS D 143 -7.91 -35.54 -2.96
C HIS D 143 -9.06 -36.54 -2.86
N LYS D 144 -10.30 -36.12 -3.16
CA LYS D 144 -11.42 -37.03 -3.25
C LYS D 144 -11.96 -37.15 -4.67
N TYR D 145 -11.18 -36.70 -5.67
CA TYR D 145 -11.61 -36.72 -7.06
C TYR D 145 -11.22 -38.06 -7.67
N HIS D 146 -12.07 -39.06 -7.42
CA HIS D 146 -11.81 -40.45 -7.81
C HIS D 146 -11.51 -40.60 -9.29
N VAL E 1 0.91 -21.56 -32.72
CA VAL E 1 0.67 -21.11 -34.09
C VAL E 1 1.21 -22.14 -35.07
N LEU E 2 0.37 -22.56 -36.01
CA LEU E 2 0.72 -23.65 -36.90
C LEU E 2 1.83 -23.23 -37.85
N SER E 3 2.83 -24.11 -38.03
CA SER E 3 3.82 -23.89 -39.06
C SER E 3 3.26 -24.31 -40.41
N ALA E 4 3.97 -23.90 -41.48
CA ALA E 4 3.55 -24.30 -42.81
C ALA E 4 3.53 -25.82 -42.94
N ASP E 5 4.52 -26.48 -42.34
CA ASP E 5 4.52 -27.94 -42.29
C ASP E 5 3.24 -28.47 -41.64
N ASP E 6 2.74 -27.77 -40.62
CA ASP E 6 1.54 -28.21 -39.92
C ASP E 6 0.30 -28.10 -40.79
N LYS E 7 0.04 -26.92 -41.33
CA LYS E 7 -1.14 -26.73 -42.19
C LYS E 7 -1.16 -27.74 -43.33
N ALA E 8 0.01 -28.05 -43.90
CA ALA E 8 0.06 -29.08 -44.93
C ALA E 8 -0.24 -30.46 -44.35
N ASN E 9 0.39 -30.79 -43.21
CA ASN E 9 0.10 -32.05 -42.53
C ASN E 9 -1.40 -32.17 -42.22
N ILE E 10 -1.98 -31.09 -41.70
CA ILE E 10 -3.37 -31.12 -41.26
C ILE E 10 -4.31 -31.38 -42.43
N LYS E 11 -4.08 -30.70 -43.56
CA LYS E 11 -4.94 -30.91 -44.73
C LYS E 11 -4.76 -32.32 -45.28
N ALA E 12 -3.51 -32.75 -45.47
CA ALA E 12 -3.25 -34.10 -45.95
C ALA E 12 -3.88 -35.15 -45.05
N ALA E 13 -3.59 -35.07 -43.75
CA ALA E 13 -4.13 -36.06 -42.81
C ALA E 13 -5.65 -36.05 -42.82
N TRP E 14 -6.27 -34.89 -42.98
CA TRP E 14 -7.73 -34.81 -42.94
C TRP E 14 -8.37 -35.17 -44.28
N GLY E 15 -7.61 -35.15 -45.37
CA GLY E 15 -8.11 -35.75 -46.60
C GLY E 15 -8.23 -37.25 -46.48
N LYS E 16 -7.20 -37.89 -45.91
CA LYS E 16 -7.24 -39.34 -45.69
C LYS E 16 -8.34 -39.75 -44.72
N ILE E 17 -8.77 -38.85 -43.84
CA ILE E 17 -9.91 -39.14 -42.99
C ILE E 17 -11.18 -39.26 -43.83
N GLY E 18 -11.42 -38.27 -44.68
CA GLY E 18 -12.47 -38.38 -45.69
C GLY E 18 -13.84 -38.63 -45.11
N GLY E 19 -14.52 -39.63 -45.65
CA GLY E 19 -15.90 -39.92 -45.28
C GLY E 19 -16.05 -40.57 -43.91
N HIS E 20 -14.95 -40.93 -43.24
CA HIS E 20 -15.03 -41.51 -41.91
C HIS E 20 -15.10 -40.45 -40.82
N GLY E 21 -14.99 -39.17 -41.17
CA GLY E 21 -14.93 -38.13 -40.14
C GLY E 21 -16.13 -38.17 -39.21
N ALA E 22 -17.31 -38.39 -39.77
CA ALA E 22 -18.54 -38.41 -38.98
C ALA E 22 -18.47 -39.44 -37.85
N GLU E 23 -18.08 -40.67 -38.17
CA GLU E 23 -18.03 -41.72 -37.18
C GLU E 23 -16.88 -41.57 -36.20
N TYR E 24 -15.81 -40.86 -36.58
CA TYR E 24 -14.73 -40.60 -35.63
C TYR E 24 -15.17 -39.60 -34.57
N GLY E 25 -15.86 -38.55 -34.98
CA GLY E 25 -16.42 -37.62 -34.02
C GLY E 25 -17.39 -38.26 -33.07
N ALA E 26 -18.10 -39.31 -33.53
CA ALA E 26 -18.96 -40.07 -32.64
C ALA E 26 -18.12 -40.85 -31.63
N GLU E 27 -17.06 -41.52 -32.10
CA GLU E 27 -16.22 -42.32 -31.22
C GLU E 27 -15.47 -41.45 -30.21
N ALA E 28 -14.95 -40.31 -30.67
CA ALA E 28 -14.26 -39.40 -29.76
C ALA E 28 -15.18 -38.92 -28.64
N LEU E 29 -16.41 -38.54 -28.99
CA LEU E 29 -17.39 -38.20 -27.95
C LEU E 29 -17.69 -39.40 -27.07
N GLU E 30 -17.79 -40.59 -27.66
CA GLU E 30 -18.02 -41.79 -26.85
C GLU E 30 -16.86 -42.05 -25.91
N ARG E 31 -15.63 -41.93 -26.39
CA ARG E 31 -14.47 -42.20 -25.54
C ARG E 31 -14.37 -41.18 -24.41
N MET E 32 -14.70 -39.92 -24.68
CA MET E 32 -14.65 -38.88 -23.65
C MET E 32 -15.64 -39.18 -22.53
N PHE E 33 -16.92 -39.40 -22.90
CA PHE E 33 -17.95 -39.66 -21.90
C PHE E 33 -17.60 -40.83 -21.00
N CYS E 34 -17.00 -41.88 -21.56
CA CYS E 34 -16.60 -43.02 -20.75
C CYS E 34 -15.38 -42.70 -19.90
N SER E 35 -14.31 -42.20 -20.54
CA SER E 35 -13.06 -41.98 -19.82
C SER E 35 -13.17 -40.82 -18.83
N PHE E 36 -13.87 -39.75 -19.21
CA PHE E 36 -13.96 -38.53 -18.42
C PHE E 36 -15.43 -38.22 -18.20
N PRO E 37 -16.07 -38.93 -17.27
CA PRO E 37 -17.54 -38.88 -17.17
C PRO E 37 -18.08 -37.50 -16.81
N THR E 38 -17.24 -36.60 -16.29
CA THR E 38 -17.70 -35.26 -16.00
C THR E 38 -18.24 -34.55 -17.23
N THR E 39 -17.75 -34.94 -18.42
CA THR E 39 -18.13 -34.27 -19.66
C THR E 39 -19.57 -34.53 -20.05
N LYS E 40 -20.18 -35.62 -19.55
CA LYS E 40 -21.59 -35.89 -19.83
C LYS E 40 -22.50 -34.82 -19.25
N THR E 41 -22.07 -34.18 -18.16
CA THR E 41 -22.82 -33.09 -17.57
C THR E 41 -23.13 -31.97 -18.55
N TYR E 42 -22.28 -31.76 -19.56
CA TYR E 42 -22.55 -30.78 -20.59
C TYR E 42 -23.67 -31.20 -21.53
N PHE E 43 -24.08 -32.47 -21.50
CA PHE E 43 -25.13 -32.95 -22.40
C PHE E 43 -26.25 -33.63 -21.62
N PRO E 44 -26.85 -32.96 -20.63
CA PRO E 44 -27.88 -33.63 -19.82
C PRO E 44 -29.12 -33.99 -20.63
N HIS E 45 -29.41 -33.20 -21.67
CA HIS E 45 -30.48 -33.49 -22.60
C HIS E 45 -30.15 -34.63 -23.56
N PHE E 46 -28.92 -35.12 -23.55
CA PHE E 46 -28.50 -36.15 -24.49
C PHE E 46 -28.74 -37.54 -23.94
N ASP E 47 -29.04 -38.46 -24.84
CA ASP E 47 -28.87 -39.90 -24.59
C ASP E 47 -27.40 -40.20 -24.80
N VAL E 48 -26.64 -40.34 -23.71
CA VAL E 48 -25.20 -40.49 -23.77
C VAL E 48 -24.80 -41.95 -23.69
N SER E 49 -25.71 -42.84 -24.08
CA SER E 49 -25.34 -44.25 -23.96
C SER E 49 -24.77 -44.75 -25.28
N PRO E 50 -23.82 -45.68 -25.20
CA PRO E 50 -23.10 -46.14 -26.40
C PRO E 50 -24.02 -46.50 -27.55
N GLY E 51 -23.71 -45.95 -28.73
CA GLY E 51 -24.50 -46.21 -29.91
C GLY E 51 -25.74 -45.35 -30.06
N SER E 52 -25.83 -44.23 -29.33
CA SER E 52 -27.03 -43.43 -29.35
C SER E 52 -27.11 -42.62 -30.63
N ALA E 53 -28.34 -42.50 -31.16
CA ALA E 53 -28.56 -41.68 -32.34
C ALA E 53 -28.11 -40.24 -32.11
N GLN E 54 -28.25 -39.76 -30.87
CA GLN E 54 -27.92 -38.37 -30.58
C GLN E 54 -26.41 -38.14 -30.62
N VAL E 55 -25.64 -39.02 -29.98
CA VAL E 55 -24.18 -38.85 -29.97
C VAL E 55 -23.62 -38.93 -31.37
N LYS E 56 -24.04 -39.95 -32.14
CA LYS E 56 -23.54 -40.08 -33.51
C LYS E 56 -23.97 -38.90 -34.36
N GLY E 57 -25.21 -38.43 -34.19
CA GLY E 57 -25.64 -37.23 -34.89
C GLY E 57 -24.83 -36.01 -34.50
N HIS E 58 -24.42 -35.92 -33.23
CA HIS E 58 -23.57 -34.82 -32.82
C HIS E 58 -22.12 -35.08 -33.18
N GLY E 59 -21.72 -36.35 -33.30
CA GLY E 59 -20.42 -36.67 -33.85
C GLY E 59 -20.21 -36.09 -35.23
N ALA E 60 -21.26 -36.13 -36.06
CA ALA E 60 -21.14 -35.59 -37.41
C ALA E 60 -21.07 -34.06 -37.42
N LYS E 61 -21.70 -33.41 -36.44
CA LYS E 61 -21.58 -31.95 -36.35
C LYS E 61 -20.17 -31.56 -35.95
N VAL E 62 -19.63 -32.21 -34.92
CA VAL E 62 -18.25 -31.95 -34.50
C VAL E 62 -17.29 -32.19 -35.66
N ALA E 63 -17.50 -33.27 -36.40
CA ALA E 63 -16.63 -33.59 -37.52
C ALA E 63 -16.73 -32.54 -38.63
N GLY E 64 -17.94 -32.03 -38.86
CA GLY E 64 -18.11 -31.00 -39.87
C GLY E 64 -17.42 -29.70 -39.52
N ALA E 65 -17.37 -29.35 -38.23
CA ALA E 65 -16.65 -28.15 -37.83
C ALA E 65 -15.14 -28.36 -37.93
N LEU E 66 -14.67 -29.55 -37.54
CA LEU E 66 -13.25 -29.86 -37.66
C LEU E 66 -12.81 -29.90 -39.11
N ALA E 67 -13.65 -30.46 -39.99
CA ALA E 67 -13.38 -30.41 -41.41
C ALA E 67 -13.27 -28.96 -41.88
N THR E 68 -14.21 -28.11 -41.43
CA THR E 68 -14.14 -26.69 -41.74
C THR E 68 -12.89 -26.05 -41.15
N ALA E 69 -12.45 -26.54 -39.99
CA ALA E 69 -11.21 -26.05 -39.39
C ALA E 69 -9.98 -26.50 -40.16
N ALA E 70 -10.08 -27.59 -40.93
CA ALA E 70 -8.94 -28.08 -41.72
C ALA E 70 -8.67 -27.17 -42.91
N SER E 71 -9.70 -26.80 -43.66
CA SER E 71 -9.62 -25.59 -44.45
C SER E 71 -9.64 -24.39 -43.50
N HIS E 72 -9.47 -23.20 -44.04
CA HIS E 72 -9.53 -21.98 -43.22
C HIS E 72 -8.51 -21.95 -42.10
N LEU E 73 -7.41 -22.72 -42.21
CA LEU E 73 -6.43 -22.72 -41.14
C LEU E 73 -5.78 -21.36 -40.93
N ASP E 74 -5.92 -20.45 -41.90
CA ASP E 74 -5.31 -19.14 -41.80
C ASP E 74 -6.22 -18.10 -41.14
N ASP E 75 -7.53 -18.36 -41.04
CA ASP E 75 -8.40 -17.54 -40.17
C ASP E 75 -9.39 -18.49 -39.47
N LEU E 76 -8.87 -19.20 -38.48
CA LEU E 76 -9.73 -20.00 -37.60
C LEU E 76 -10.73 -19.14 -36.83
N PRO E 77 -10.35 -18.00 -36.23
CA PRO E 77 -11.36 -17.17 -35.54
C PRO E 77 -12.54 -16.79 -36.43
N ALA E 78 -12.28 -16.32 -37.64
CA ALA E 78 -13.38 -15.96 -38.53
C ALA E 78 -14.27 -17.16 -38.81
N ALA E 79 -13.68 -18.35 -38.98
CA ALA E 79 -14.46 -19.50 -39.39
C ALA E 79 -15.34 -20.03 -38.24
N LEU E 80 -14.81 -20.04 -37.02
CA LEU E 80 -15.48 -20.69 -35.90
C LEU E 80 -16.17 -19.71 -34.96
N SER E 81 -16.44 -18.48 -35.42
CA SER E 81 -16.82 -17.41 -34.49
C SER E 81 -18.15 -17.69 -33.79
N ALA E 82 -19.17 -18.15 -34.54
CA ALA E 82 -20.43 -18.47 -33.90
C ALA E 82 -20.31 -19.69 -33.00
N LEU E 83 -19.51 -20.67 -33.42
CA LEU E 83 -19.28 -21.85 -32.61
C LEU E 83 -18.53 -21.52 -31.32
N SER E 84 -17.70 -20.46 -31.36
CA SER E 84 -17.00 -20.03 -30.16
C SER E 84 -17.88 -19.19 -29.25
N ASP E 85 -18.79 -18.40 -29.81
CA ASP E 85 -19.78 -17.74 -28.97
C ASP E 85 -20.59 -18.75 -28.18
N LEU E 86 -20.97 -19.86 -28.82
CA LEU E 86 -21.83 -20.85 -28.18
C LEU E 86 -21.08 -21.56 -27.06
N HIS E 87 -19.82 -21.95 -27.29
CA HIS E 87 -19.10 -22.74 -26.30
C HIS E 87 -18.62 -21.89 -25.13
N ALA E 88 -18.15 -20.68 -25.40
CA ALA E 88 -17.54 -19.89 -24.34
C ALA E 88 -18.55 -19.00 -23.62
N HIS E 89 -19.49 -18.40 -24.35
CA HIS E 89 -20.50 -17.53 -23.76
C HIS E 89 -21.70 -18.33 -23.26
N LYS E 90 -22.35 -19.06 -24.15
CA LYS E 90 -23.55 -19.80 -23.76
C LYS E 90 -23.20 -21.02 -22.92
N LEU E 91 -22.47 -21.97 -23.50
CA LEU E 91 -22.17 -23.21 -22.79
C LEU E 91 -21.14 -23.01 -21.69
N ARG E 92 -20.23 -22.02 -21.82
CA ARG E 92 -19.16 -21.78 -20.86
C ARG E 92 -18.41 -23.08 -20.55
N VAL E 93 -18.01 -23.81 -21.59
CA VAL E 93 -17.25 -25.05 -21.40
C VAL E 93 -15.93 -24.71 -20.71
N ASP E 94 -15.62 -25.44 -19.64
CA ASP E 94 -14.32 -25.30 -19.00
C ASP E 94 -13.24 -25.72 -19.98
N PRO E 95 -12.23 -24.88 -20.25
CA PRO E 95 -11.22 -25.20 -21.27
C PRO E 95 -10.54 -26.55 -21.09
N VAL E 96 -10.54 -27.08 -19.85
CA VAL E 96 -9.92 -28.37 -19.61
C VAL E 96 -10.58 -29.46 -20.44
N ASN E 97 -11.87 -29.30 -20.74
CA ASN E 97 -12.60 -30.33 -21.45
C ASN E 97 -12.26 -30.38 -22.94
N PHE E 98 -11.76 -29.29 -23.52
CA PHE E 98 -11.30 -29.35 -24.90
C PHE E 98 -10.06 -30.22 -25.02
N LYS E 99 -9.20 -30.21 -23.99
CA LYS E 99 -8.04 -31.09 -23.97
C LYS E 99 -8.47 -32.55 -24.01
N LEU E 100 -9.41 -32.93 -23.12
CA LEU E 100 -9.86 -34.32 -23.05
C LEU E 100 -10.41 -34.79 -24.38
N LEU E 101 -11.28 -34.00 -25.00
CA LEU E 101 -11.84 -34.35 -26.30
C LEU E 101 -10.75 -34.40 -27.36
N SER E 102 -9.85 -33.41 -27.36
CA SER E 102 -8.69 -33.46 -28.24
C SER E 102 -7.93 -34.77 -28.07
N HIS E 103 -7.77 -35.22 -26.83
CA HIS E 103 -7.04 -36.45 -26.56
C HIS E 103 -7.83 -37.67 -27.00
N CYS E 104 -9.15 -37.67 -26.78
CA CYS E 104 -9.96 -38.82 -27.20
C CYS E 104 -10.07 -38.87 -28.72
N LEU E 105 -10.10 -37.73 -29.38
CA LEU E 105 -10.08 -37.73 -30.84
C LEU E 105 -8.73 -38.20 -31.37
N LEU E 106 -7.64 -37.82 -30.69
CA LEU E 106 -6.32 -38.28 -31.10
C LEU E 106 -6.20 -39.78 -30.90
N VAL E 107 -6.67 -40.28 -29.76
CA VAL E 107 -6.69 -41.72 -29.52
C VAL E 107 -7.49 -42.44 -30.60
N THR E 108 -8.62 -41.86 -31.01
CA THR E 108 -9.46 -42.47 -32.04
C THR E 108 -8.71 -42.59 -33.35
N LEU E 109 -8.08 -41.50 -33.81
CA LEU E 109 -7.33 -41.52 -35.06
C LEU E 109 -6.21 -42.55 -35.00
N ALA E 110 -5.51 -42.62 -33.87
CA ALA E 110 -4.42 -43.59 -33.73
C ALA E 110 -4.92 -45.02 -33.88
N ALA E 111 -6.11 -45.31 -33.35
CA ALA E 111 -6.61 -46.69 -33.38
C ALA E 111 -7.14 -47.09 -34.75
N HIS E 112 -7.53 -46.14 -35.59
CA HIS E 112 -8.10 -46.45 -36.90
C HIS E 112 -7.08 -46.33 -38.03
N HIS E 113 -6.14 -45.40 -37.94
CA HIS E 113 -5.18 -45.14 -39.00
C HIS E 113 -3.77 -45.31 -38.46
N PRO E 114 -3.32 -46.55 -38.25
CA PRO E 114 -1.96 -46.76 -37.75
C PRO E 114 -0.89 -46.30 -38.73
N ALA E 115 -1.08 -46.55 -40.02
CA ALA E 115 -0.09 -46.15 -41.02
C ALA E 115 0.07 -44.64 -41.06
N GLU E 116 -1.04 -43.90 -40.92
CA GLU E 116 -1.02 -42.46 -41.09
C GLU E 116 -0.70 -41.70 -39.81
N PHE E 117 -1.00 -42.29 -38.65
CA PHE E 117 -0.77 -41.60 -37.38
C PHE E 117 0.70 -41.74 -36.94
N THR E 118 1.59 -41.22 -37.80
CA THR E 118 3.00 -41.18 -37.49
C THR E 118 3.27 -40.12 -36.43
N PRO E 119 4.41 -40.22 -35.73
CA PRO E 119 4.76 -39.18 -34.74
C PRO E 119 4.71 -37.75 -35.28
N ALA E 120 5.20 -37.51 -36.49
CA ALA E 120 5.17 -36.17 -37.05
C ALA E 120 3.74 -35.69 -37.29
N VAL E 121 2.93 -36.54 -37.92
CA VAL E 121 1.52 -36.22 -38.14
C VAL E 121 0.82 -36.05 -36.80
N HIS E 122 1.12 -36.92 -35.84
CA HIS E 122 0.59 -36.80 -34.49
C HIS E 122 0.88 -35.42 -33.91
N ALA E 123 2.12 -34.96 -34.03
CA ALA E 123 2.50 -33.69 -33.44
C ALA E 123 1.75 -32.51 -34.09
N SER E 124 1.48 -32.60 -35.39
CA SER E 124 0.79 -31.50 -36.06
C SER E 124 -0.71 -31.51 -35.76
N LEU E 125 -1.32 -32.69 -35.64
CA LEU E 125 -2.75 -32.76 -35.38
C LEU E 125 -3.07 -32.33 -33.95
N ASP E 126 -2.17 -32.62 -33.01
CA ASP E 126 -2.28 -32.08 -31.66
C ASP E 126 -2.34 -30.55 -31.69
N LYS E 127 -1.38 -29.92 -32.39
CA LYS E 127 -1.42 -28.48 -32.58
C LYS E 127 -2.70 -28.02 -33.26
N PHE E 128 -3.26 -28.86 -34.13
CA PHE E 128 -4.48 -28.51 -34.85
C PHE E 128 -5.68 -28.46 -33.90
N LEU E 129 -5.83 -29.45 -33.03
CA LEU E 129 -6.96 -29.45 -32.10
C LEU E 129 -6.77 -28.44 -30.98
N ALA E 130 -5.53 -28.25 -30.52
CA ALA E 130 -5.26 -27.22 -29.53
C ALA E 130 -5.60 -25.84 -30.08
N SER E 131 -5.33 -25.60 -31.37
CA SER E 131 -5.57 -24.28 -31.95
C SER E 131 -7.07 -23.98 -32.06
N VAL E 132 -7.85 -24.94 -32.57
CA VAL E 132 -9.28 -24.71 -32.68
C VAL E 132 -9.91 -24.61 -31.30
N SER E 133 -9.32 -25.28 -30.30
CA SER E 133 -9.84 -25.18 -28.94
C SER E 133 -9.64 -23.78 -28.38
N THR E 134 -8.46 -23.19 -28.60
CA THR E 134 -8.24 -21.82 -28.15
C THR E 134 -9.20 -20.85 -28.83
N VAL E 135 -9.56 -21.13 -30.08
CA VAL E 135 -10.52 -20.30 -30.79
C VAL E 135 -11.92 -20.51 -30.21
N LEU E 136 -12.30 -21.76 -29.96
CA LEU E 136 -13.58 -22.05 -29.29
C LEU E 136 -13.60 -21.52 -27.86
N THR E 137 -12.49 -21.00 -27.35
CA THR E 137 -12.42 -20.46 -26.01
C THR E 137 -11.90 -19.03 -25.95
N SER E 138 -11.66 -18.39 -27.09
CA SER E 138 -11.20 -17.00 -27.05
C SER E 138 -12.35 -16.03 -26.76
N LYS E 139 -13.57 -16.54 -26.64
CA LYS E 139 -14.76 -15.71 -26.48
C LYS E 139 -15.29 -15.77 -25.04
N TYR E 140 -14.46 -15.36 -24.08
CA TYR E 140 -14.90 -15.36 -22.69
C TYR E 140 -15.02 -13.94 -22.15
N VAL F 1 -5.75 -46.49 -8.34
CA VAL F 1 -6.07 -47.18 -7.10
C VAL F 1 -7.47 -47.81 -7.17
N HIS F 2 -8.50 -46.98 -7.16
CA HIS F 2 -9.88 -47.47 -7.11
C HIS F 2 -10.26 -47.98 -8.50
N LEU F 3 -10.03 -49.28 -8.72
CA LEU F 3 -10.24 -50.00 -9.96
C LEU F 3 -11.13 -51.22 -9.69
N THR F 4 -11.92 -51.61 -10.68
CA THR F 4 -12.76 -52.79 -10.57
C THR F 4 -11.97 -54.03 -10.98
N ASP F 5 -12.61 -55.19 -10.86
CA ASP F 5 -12.06 -56.39 -11.49
C ASP F 5 -12.22 -56.32 -13.00
N ALA F 6 -13.42 -55.94 -13.47
CA ALA F 6 -13.71 -55.82 -14.89
C ALA F 6 -12.70 -54.92 -15.59
N GLU F 7 -12.30 -53.87 -14.94
CA GLU F 7 -11.35 -52.91 -15.49
C GLU F 7 -9.91 -53.38 -15.35
N LYS F 8 -9.56 -54.03 -14.22
CA LYS F 8 -8.26 -54.71 -14.11
C LYS F 8 -8.16 -55.88 -15.08
N ALA F 9 -9.27 -56.54 -15.38
CA ALA F 9 -9.28 -57.57 -16.42
C ALA F 9 -8.93 -56.96 -17.78
N LEU F 10 -9.36 -55.72 -18.02
CA LEU F 10 -9.11 -55.10 -19.32
C LEU F 10 -7.68 -54.58 -19.43
N VAL F 11 -7.09 -54.12 -18.34
CA VAL F 11 -5.73 -53.57 -18.37
C VAL F 11 -4.72 -54.68 -18.57
N THR F 12 -4.60 -55.58 -17.58
CA THR F 12 -3.61 -56.64 -17.65
C THR F 12 -3.86 -57.58 -18.83
N GLY F 13 -5.06 -57.57 -19.41
CA GLY F 13 -5.36 -58.39 -20.55
C GLY F 13 -4.74 -57.86 -21.84
N LEU F 14 -4.94 -56.56 -22.10
CA LEU F 14 -4.37 -55.95 -23.29
C LEU F 14 -2.89 -55.65 -23.14
N TRP F 15 -2.40 -55.50 -21.91
CA TRP F 15 -0.96 -55.39 -21.69
C TRP F 15 -0.22 -56.67 -22.11
N GLY F 16 -0.88 -57.82 -22.00
CA GLY F 16 -0.31 -59.07 -22.44
C GLY F 16 -0.52 -59.33 -23.92
N LYS F 17 -0.76 -58.25 -24.69
CA LYS F 17 -0.84 -58.32 -26.15
C LYS F 17 -0.02 -57.23 -26.82
N VAL F 18 0.89 -56.56 -26.09
CA VAL F 18 1.80 -55.58 -26.67
C VAL F 18 3.22 -55.88 -26.21
N LYS F 19 4.17 -55.27 -26.91
CA LYS F 19 5.57 -55.35 -26.53
C LYS F 19 5.90 -54.08 -25.77
N PRO F 20 6.12 -54.15 -24.45
CA PRO F 20 6.24 -52.92 -23.65
C PRO F 20 7.35 -51.98 -24.11
N GLU F 21 8.49 -52.52 -24.54
CA GLU F 21 9.58 -51.68 -25.00
C GLU F 21 9.18 -50.86 -26.23
N GLU F 22 8.20 -51.32 -26.99
CA GLU F 22 7.66 -50.47 -28.05
C GLU F 22 6.74 -49.40 -27.46
N ILE F 23 5.83 -49.80 -26.56
CA ILE F 23 4.97 -48.83 -25.88
C ILE F 23 5.82 -47.73 -25.24
N GLY F 24 6.81 -48.13 -24.45
CA GLY F 24 7.59 -47.15 -23.71
C GLY F 24 8.45 -46.28 -24.60
N GLY F 25 9.06 -46.87 -25.63
CA GLY F 25 9.91 -46.13 -26.53
C GLY F 25 9.15 -45.21 -27.46
N GLU F 26 7.98 -45.66 -27.92
CA GLU F 26 7.17 -44.82 -28.78
C GLU F 26 6.46 -43.73 -28.01
N ALA F 27 6.05 -44.01 -26.77
CA ALA F 27 5.41 -43.00 -25.94
C ALA F 27 6.40 -41.88 -25.60
N LEU F 28 7.59 -42.25 -25.14
CA LEU F 28 8.62 -41.26 -24.85
C LEU F 28 9.01 -40.51 -26.11
N GLY F 29 9.13 -41.22 -27.23
CA GLY F 29 9.46 -40.56 -28.48
C GLY F 29 8.41 -39.56 -28.90
N ARG F 30 7.13 -39.95 -28.80
CA ARG F 30 6.06 -39.05 -29.20
C ARG F 30 5.93 -37.86 -28.27
N LEU F 31 6.18 -38.06 -26.97
CA LEU F 31 6.14 -36.94 -26.03
C LEU F 31 7.17 -35.88 -26.41
N LEU F 32 8.40 -36.32 -26.70
CA LEU F 32 9.47 -35.40 -27.10
C LEU F 32 9.16 -34.71 -28.42
N ALA F 33 8.35 -35.32 -29.29
CA ALA F 33 7.98 -34.71 -30.57
C ALA F 33 6.76 -33.81 -30.43
N VAL F 34 5.72 -34.28 -29.76
CA VAL F 34 4.50 -33.49 -29.65
C VAL F 34 4.68 -32.32 -28.71
N TYR F 35 5.43 -32.52 -27.61
CA TYR F 35 5.67 -31.48 -26.61
C TYR F 35 7.18 -31.22 -26.56
N PRO F 36 7.69 -30.39 -27.47
CA PRO F 36 9.15 -30.28 -27.64
C PRO F 36 9.87 -29.70 -26.43
N TRP F 37 9.17 -29.01 -25.51
CA TRP F 37 9.86 -28.44 -24.36
C TRP F 37 10.39 -29.52 -23.43
N THR F 38 9.81 -30.73 -23.46
CA THR F 38 10.32 -31.82 -22.65
C THR F 38 11.73 -32.22 -23.06
N GLN F 39 12.15 -31.88 -24.28
CA GLN F 39 13.52 -32.19 -24.72
C GLN F 39 14.54 -31.51 -23.82
N ARG F 40 14.19 -30.37 -23.22
CA ARG F 40 15.11 -29.62 -22.38
C ARG F 40 15.79 -30.51 -21.35
N PHE F 41 15.07 -31.52 -20.85
CA PHE F 41 15.57 -32.43 -19.83
C PHE F 41 16.45 -33.54 -20.40
N PHE F 42 16.82 -33.49 -21.67
CA PHE F 42 17.49 -34.63 -22.30
C PHE F 42 18.72 -34.21 -23.10
N ASP F 43 19.43 -33.19 -22.61
CA ASP F 43 20.60 -32.68 -23.33
C ASP F 43 21.60 -33.78 -23.66
N SER F 44 21.83 -34.69 -22.72
CA SER F 44 22.81 -35.76 -22.96
C SER F 44 22.30 -36.85 -23.91
N PHE F 45 21.13 -36.71 -24.55
CA PHE F 45 20.56 -37.77 -25.37
C PHE F 45 20.91 -37.64 -26.85
N GLY F 46 21.60 -36.59 -27.24
CA GLY F 46 21.99 -36.45 -28.64
C GLY F 46 20.92 -35.85 -29.53
N ASP F 47 20.83 -36.35 -30.76
CA ASP F 47 20.02 -35.70 -31.79
C ASP F 47 18.54 -35.95 -31.54
N LEU F 48 17.81 -34.89 -31.22
CA LEU F 48 16.36 -34.93 -31.05
C LEU F 48 15.70 -33.86 -31.92
N SER F 49 16.33 -33.51 -33.04
CA SER F 49 15.98 -32.33 -33.81
C SER F 49 14.78 -32.51 -34.73
N SER F 50 14.29 -33.72 -34.91
CA SER F 50 13.08 -33.95 -35.70
C SER F 50 12.45 -35.26 -35.26
N ALA F 51 11.25 -35.50 -35.77
CA ALA F 51 10.49 -36.68 -35.37
C ALA F 51 11.20 -37.97 -35.76
N SER F 52 11.82 -38.00 -36.95
CA SER F 52 12.57 -39.18 -37.34
C SER F 52 13.79 -39.37 -36.44
N ALA F 53 14.45 -38.27 -36.08
CA ALA F 53 15.60 -38.36 -35.19
C ALA F 53 15.20 -38.92 -33.83
N ILE F 54 14.02 -38.54 -33.32
CA ILE F 54 13.60 -38.95 -31.98
C ILE F 54 13.44 -40.47 -31.92
N MET F 55 12.61 -41.02 -32.80
CA MET F 55 12.24 -42.44 -32.71
C MET F 55 13.41 -43.36 -33.08
N GLY F 56 14.42 -42.83 -33.76
CA GLY F 56 15.63 -43.57 -34.02
C GLY F 56 16.73 -43.36 -33.01
N ASN F 57 16.50 -42.51 -32.00
CA ASN F 57 17.51 -42.24 -30.98
C ASN F 57 17.62 -43.43 -30.04
N ALA F 58 18.76 -44.13 -30.11
CA ALA F 58 18.93 -45.37 -29.35
C ALA F 58 18.78 -45.14 -27.86
N LYS F 59 19.14 -43.96 -27.37
CA LYS F 59 18.99 -43.69 -25.94
C LYS F 59 17.54 -43.39 -25.57
N VAL F 60 16.77 -42.81 -26.49
CA VAL F 60 15.35 -42.61 -26.24
C VAL F 60 14.64 -43.96 -26.14
N LYS F 61 14.96 -44.88 -27.06
CA LYS F 61 14.43 -46.23 -26.96
C LYS F 61 14.79 -46.87 -25.62
N GLY F 62 16.06 -46.81 -25.25
CA GLY F 62 16.49 -47.43 -24.01
C GLY F 62 15.83 -46.82 -22.80
N HIS F 63 15.70 -45.49 -22.77
CA HIS F 63 15.07 -44.86 -21.61
C HIS F 63 13.58 -45.18 -21.56
N GLY F 64 12.90 -45.20 -22.70
CA GLY F 64 11.51 -45.64 -22.72
C GLY F 64 11.34 -47.00 -22.08
N LYS F 65 12.35 -47.86 -22.22
CA LYS F 65 12.31 -49.16 -21.57
C LYS F 65 12.33 -49.03 -20.05
N LYS F 66 13.19 -48.16 -19.53
CA LYS F 66 13.24 -47.96 -18.09
C LYS F 66 12.00 -47.24 -17.58
N VAL F 67 11.37 -46.42 -18.42
CA VAL F 67 10.11 -45.79 -18.03
C VAL F 67 8.99 -46.84 -18.02
N ILE F 68 8.86 -47.58 -19.13
CA ILE F 68 7.76 -48.55 -19.23
C ILE F 68 7.97 -49.70 -18.26
N ASP F 69 9.22 -49.97 -17.87
CA ASP F 69 9.47 -50.98 -16.85
C ASP F 69 8.88 -50.56 -15.52
N SER F 70 9.09 -49.30 -15.13
CA SER F 70 8.45 -48.79 -13.91
C SER F 70 6.94 -48.74 -14.08
N PHE F 71 6.46 -48.49 -15.30
CA PHE F 71 5.01 -48.55 -15.54
C PHE F 71 4.48 -49.96 -15.38
N GLY F 72 5.27 -50.97 -15.74
CA GLY F 72 4.86 -52.35 -15.51
C GLY F 72 4.89 -52.73 -14.04
N GLU F 73 5.87 -52.21 -13.30
CA GLU F 73 5.88 -52.39 -11.86
C GLU F 73 4.68 -51.71 -11.22
N GLY F 74 4.30 -50.53 -11.72
CA GLY F 74 3.11 -49.88 -11.23
C GLY F 74 1.85 -50.68 -11.49
N LEU F 75 1.79 -51.36 -12.65
CA LEU F 75 0.65 -52.21 -12.98
C LEU F 75 0.52 -53.40 -12.05
N LYS F 76 1.54 -53.69 -11.23
CA LYS F 76 1.47 -54.76 -10.25
C LYS F 76 1.15 -54.25 -8.85
N HIS F 77 1.39 -52.97 -8.57
CA HIS F 77 1.05 -52.40 -7.28
C HIS F 77 0.01 -51.29 -7.45
N LEU F 78 -1.15 -51.66 -7.98
CA LEU F 78 -2.23 -50.69 -8.19
C LEU F 78 -2.67 -50.05 -6.89
N ASP F 79 -2.61 -50.79 -5.79
CA ASP F 79 -3.11 -50.30 -4.52
C ASP F 79 -2.04 -49.61 -3.70
N ASN F 80 -0.84 -49.44 -4.26
CA ASN F 80 0.19 -48.62 -3.64
C ASN F 80 1.06 -48.01 -4.72
N LEU F 81 0.46 -47.11 -5.53
CA LEU F 81 1.27 -46.33 -6.48
C LEU F 81 2.30 -45.50 -5.75
N LYS F 82 2.00 -45.09 -4.52
CA LYS F 82 2.83 -44.13 -3.81
C LYS F 82 4.11 -44.77 -3.30
N GLY F 83 4.03 -46.03 -2.83
CA GLY F 83 5.24 -46.73 -2.45
C GLY F 83 6.10 -47.10 -3.65
N THR F 84 5.48 -47.33 -4.81
CA THR F 84 6.21 -47.77 -5.99
C THR F 84 6.98 -46.63 -6.64
N PHE F 85 6.36 -45.46 -6.78
CA PHE F 85 6.96 -44.33 -7.46
C PHE F 85 7.46 -43.27 -6.50
N ALA F 86 7.63 -43.60 -5.21
CA ALA F 86 8.09 -42.62 -4.23
C ALA F 86 9.52 -42.20 -4.51
N SER F 87 10.37 -43.13 -4.96
CA SER F 87 11.75 -42.77 -5.26
C SER F 87 11.89 -42.12 -6.63
N LEU F 88 11.05 -42.50 -7.58
CA LEU F 88 11.07 -41.86 -8.90
C LEU F 88 10.59 -40.41 -8.82
N SER F 89 9.65 -40.13 -7.91
CA SER F 89 9.16 -38.76 -7.77
C SER F 89 10.21 -37.86 -7.14
N GLU F 90 11.00 -38.41 -6.21
CA GLU F 90 12.11 -37.67 -5.62
C GLU F 90 13.05 -37.16 -6.69
N LEU F 91 13.45 -38.03 -7.62
CA LEU F 91 14.38 -37.64 -8.67
C LEU F 91 13.75 -36.64 -9.64
N HIS F 92 12.47 -36.82 -9.95
CA HIS F 92 11.83 -35.94 -10.92
C HIS F 92 11.61 -34.54 -10.33
N CYS F 93 11.12 -34.47 -9.09
CA CYS F 93 10.91 -33.19 -8.42
C CYS F 93 12.25 -32.53 -8.11
N ASP F 94 13.00 -33.18 -7.22
CA ASP F 94 14.21 -32.59 -6.66
C ASP F 94 15.31 -32.47 -7.71
N LYS F 95 15.78 -33.61 -8.18
CA LYS F 95 16.89 -33.69 -9.13
C LYS F 95 16.69 -33.27 -10.59
N LEU F 96 15.45 -33.27 -11.06
CA LEU F 96 15.20 -33.01 -12.47
C LEU F 96 14.36 -31.77 -12.74
N HIS F 97 13.61 -31.27 -11.75
CA HIS F 97 12.76 -30.09 -11.90
C HIS F 97 11.76 -30.28 -13.04
N VAL F 98 11.18 -31.48 -13.12
CA VAL F 98 10.12 -31.75 -14.09
C VAL F 98 8.80 -31.24 -13.52
N ASP F 99 8.18 -30.30 -14.22
CA ASP F 99 6.88 -29.80 -13.78
C ASP F 99 5.85 -30.92 -13.86
N PRO F 100 5.01 -31.10 -12.84
CA PRO F 100 4.16 -32.29 -12.77
C PRO F 100 3.13 -32.40 -13.88
N GLU F 101 2.80 -31.30 -14.56
CA GLU F 101 1.87 -31.38 -15.68
C GLU F 101 2.37 -32.35 -16.74
N ASN F 102 3.69 -32.42 -16.93
CA ASN F 102 4.27 -33.27 -17.96
C ASN F 102 4.07 -34.75 -17.65
N PHE F 103 3.93 -35.14 -16.40
CA PHE F 103 3.67 -36.54 -16.09
C PHE F 103 2.35 -36.93 -16.70
N LYS F 104 1.40 -36.05 -16.68
CA LYS F 104 0.14 -36.33 -17.30
C LYS F 104 0.23 -36.55 -18.80
N LEU F 105 1.06 -35.77 -19.48
CA LEU F 105 1.14 -35.88 -20.94
C LEU F 105 1.89 -37.13 -21.40
N LEU F 106 2.82 -37.64 -20.59
CA LEU F 106 3.44 -38.91 -20.94
C LEU F 106 2.47 -40.06 -20.77
N GLY F 107 1.60 -39.98 -19.75
CA GLY F 107 0.53 -40.95 -19.62
C GLY F 107 -0.39 -40.96 -20.83
N ASN F 108 -0.75 -39.78 -21.33
CA ASN F 108 -1.57 -39.70 -22.54
C ASN F 108 -0.85 -40.31 -23.74
N MET F 109 0.48 -40.12 -23.84
CA MET F 109 1.23 -40.73 -24.94
C MET F 109 1.16 -42.25 -24.87
N ILE F 110 1.22 -42.82 -23.66
CA ILE F 110 1.10 -44.26 -23.51
C ILE F 110 -0.27 -44.75 -23.99
N VAL F 111 -1.32 -43.99 -23.68
CA VAL F 111 -2.67 -44.37 -24.14
C VAL F 111 -2.74 -44.35 -25.66
N ILE F 112 -2.32 -43.24 -26.27
CA ILE F 112 -2.35 -43.12 -27.73
C ILE F 112 -1.56 -44.24 -28.38
N VAL F 113 -0.38 -44.56 -27.83
CA VAL F 113 0.43 -45.62 -28.39
C VAL F 113 -0.23 -46.98 -28.15
N MET F 114 -0.78 -47.20 -26.97
CA MET F 114 -1.61 -48.39 -26.74
C MET F 114 -2.71 -48.47 -27.80
N ALA F 115 -3.38 -47.35 -28.05
CA ALA F 115 -4.35 -47.30 -29.14
C ALA F 115 -3.69 -47.51 -30.49
N HIS F 116 -2.45 -47.06 -30.64
CA HIS F 116 -1.76 -47.21 -31.92
C HIS F 116 -1.46 -48.67 -32.24
N HIS F 117 -1.21 -49.49 -31.22
CA HIS F 117 -0.82 -50.88 -31.43
C HIS F 117 -1.99 -51.85 -31.36
N LEU F 118 -3.08 -51.48 -30.70
CA LEU F 118 -4.20 -52.39 -30.53
C LEU F 118 -5.36 -52.13 -31.47
N GLY F 119 -5.44 -50.96 -32.08
CA GLY F 119 -6.53 -50.66 -32.99
C GLY F 119 -7.88 -50.79 -32.31
N LYS F 120 -8.84 -51.38 -33.02
CA LYS F 120 -10.19 -51.56 -32.50
C LYS F 120 -10.23 -52.35 -31.20
N ASP F 121 -9.15 -53.03 -30.82
CA ASP F 121 -9.11 -53.74 -29.55
C ASP F 121 -8.92 -52.81 -28.35
N PHE F 122 -8.48 -51.58 -28.58
CA PHE F 122 -8.35 -50.60 -27.51
C PHE F 122 -9.68 -49.84 -27.39
N THR F 123 -10.67 -50.54 -26.83
CA THR F 123 -12.04 -50.06 -26.79
C THR F 123 -12.17 -48.84 -25.88
N PRO F 124 -13.28 -48.09 -26.00
CA PRO F 124 -13.51 -46.97 -25.07
C PRO F 124 -13.43 -47.36 -23.61
N ALA F 125 -13.67 -48.63 -23.27
CA ALA F 125 -13.55 -49.07 -21.89
C ALA F 125 -12.11 -49.43 -21.54
N ALA F 126 -11.39 -50.04 -22.48
CA ALA F 126 -9.95 -50.23 -22.30
C ALA F 126 -9.25 -48.90 -22.10
N GLN F 127 -9.49 -47.94 -23.01
CA GLN F 127 -8.96 -46.60 -22.83
C GLN F 127 -9.29 -46.05 -21.45
N ALA F 128 -10.57 -46.08 -21.07
CA ALA F 128 -10.97 -45.47 -19.80
C ALA F 128 -10.27 -46.12 -18.62
N ALA F 129 -10.08 -47.44 -18.65
CA ALA F 129 -9.34 -48.10 -17.58
C ALA F 129 -7.89 -47.63 -17.55
N TYR F 130 -7.23 -47.63 -18.72
CA TYR F 130 -5.85 -47.15 -18.78
C TYR F 130 -5.76 -45.68 -18.38
N GLN F 131 -6.78 -44.88 -18.71
CA GLN F 131 -6.78 -43.48 -18.30
C GLN F 131 -6.70 -43.37 -16.78
N LYS F 132 -7.44 -44.21 -16.07
CA LYS F 132 -7.38 -44.17 -14.60
C LYS F 132 -6.04 -44.70 -14.09
N VAL F 133 -5.43 -45.65 -14.80
CA VAL F 133 -4.09 -46.09 -14.45
C VAL F 133 -3.11 -44.93 -14.56
N VAL F 134 -2.96 -44.39 -15.78
CA VAL F 134 -1.99 -43.33 -16.01
C VAL F 134 -2.30 -42.09 -15.17
N ALA F 135 -3.59 -41.84 -14.90
CA ALA F 135 -3.92 -40.75 -13.98
C ALA F 135 -3.39 -41.04 -12.58
N GLY F 136 -3.46 -42.29 -12.16
CA GLY F 136 -2.97 -42.65 -10.83
C GLY F 136 -1.46 -42.58 -10.73
N VAL F 137 -0.76 -43.10 -11.74
CA VAL F 137 0.70 -43.09 -11.70
C VAL F 137 1.25 -41.69 -11.92
N ALA F 138 0.47 -40.78 -12.51
CA ALA F 138 0.93 -39.40 -12.65
C ALA F 138 0.92 -38.69 -11.31
N THR F 139 -0.12 -38.91 -10.50
CA THR F 139 -0.20 -38.31 -9.18
C THR F 139 0.72 -39.00 -8.18
N ALA F 140 1.13 -40.24 -8.46
CA ALA F 140 2.15 -40.88 -7.63
C ALA F 140 3.50 -40.21 -7.84
N LEU F 141 3.77 -39.77 -9.07
CA LEU F 141 5.01 -39.07 -9.37
C LEU F 141 4.98 -37.62 -8.89
N ALA F 142 3.80 -37.03 -8.74
CA ALA F 142 3.71 -35.68 -8.24
C ALA F 142 3.72 -35.60 -6.72
N HIS F 143 3.73 -36.74 -6.02
CA HIS F 143 3.46 -36.72 -4.59
C HIS F 143 4.53 -35.94 -3.83
N LYS F 144 5.80 -36.21 -4.12
CA LYS F 144 6.89 -35.54 -3.41
C LYS F 144 6.94 -34.04 -3.71
N TYR F 145 6.08 -33.58 -4.61
CA TYR F 145 5.96 -32.15 -4.93
C TYR F 145 5.08 -31.49 -3.87
N HIS F 146 5.70 -30.70 -2.99
CA HIS F 146 4.98 -29.93 -1.99
C HIS F 146 4.08 -30.80 -1.11
N VAL G 1 -3.54 31.79 4.80
CA VAL G 1 -3.05 32.76 3.84
C VAL G 1 -3.74 34.11 4.04
N LEU G 2 -3.34 35.10 3.25
CA LEU G 2 -3.81 36.47 3.42
C LEU G 2 -5.06 36.73 2.59
N SER G 3 -5.83 37.71 3.04
CA SER G 3 -7.01 38.19 2.33
C SER G 3 -6.63 39.44 1.55
N ALA G 4 -7.61 39.98 0.80
CA ALA G 4 -7.38 41.25 0.10
C ALA G 4 -7.09 42.37 1.09
N ASP G 5 -7.85 42.41 2.19
CA ASP G 5 -7.65 43.46 3.19
C ASP G 5 -6.34 43.28 3.95
N ASP G 6 -5.90 42.03 4.17
CA ASP G 6 -4.57 41.79 4.68
C ASP G 6 -3.53 42.42 3.75
N LYS G 7 -3.55 42.01 2.48
CA LYS G 7 -2.65 42.59 1.48
C LYS G 7 -2.74 44.12 1.50
N ALA G 8 -3.95 44.66 1.50
CA ALA G 8 -4.13 46.10 1.54
C ALA G 8 -3.53 46.69 2.80
N ASN G 9 -3.80 46.09 3.95
CA ASN G 9 -3.26 46.59 5.22
C ASN G 9 -1.73 46.48 5.25
N ILE G 10 -1.20 45.32 4.86
CA ILE G 10 0.25 45.13 4.84
C ILE G 10 0.91 46.18 3.96
N LYS G 11 0.40 46.37 2.75
CA LYS G 11 0.95 47.38 1.86
C LYS G 11 0.74 48.78 2.39
N ALA G 12 -0.45 49.07 2.92
CA ALA G 12 -0.68 50.36 3.54
C ALA G 12 0.26 50.56 4.72
N ALA G 13 0.35 49.56 5.60
CA ALA G 13 1.23 49.68 6.76
C ALA G 13 2.69 49.83 6.35
N TRP G 14 3.10 49.14 5.32
CA TRP G 14 4.47 49.24 4.84
C TRP G 14 4.84 50.56 4.23
N GLY G 15 3.85 51.23 3.65
CA GLY G 15 4.10 52.55 3.12
C GLY G 15 4.42 53.57 4.21
N LYS G 16 3.70 53.49 5.33
CA LYS G 16 3.90 54.43 6.43
C LYS G 16 5.25 54.24 7.11
N ILE G 17 5.87 53.07 6.95
CA ILE G 17 7.17 52.83 7.56
C ILE G 17 8.24 53.70 6.90
N GLY G 18 8.27 53.71 5.57
CA GLY G 18 9.23 54.50 4.83
C GLY G 18 10.66 54.12 5.20
N GLY G 19 11.52 55.14 5.23
CA GLY G 19 12.90 54.95 5.61
C GLY G 19 13.14 54.59 7.06
N HIS G 20 12.07 54.47 7.87
CA HIS G 20 12.20 54.00 9.24
C HIS G 20 12.33 52.49 9.34
N GLY G 21 12.11 51.77 8.24
CA GLY G 21 12.20 50.31 8.30
C GLY G 21 13.58 49.83 8.69
N ALA G 22 14.62 50.49 8.18
CA ALA G 22 15.98 50.11 8.53
C ALA G 22 16.19 50.17 10.03
N GLU G 23 15.67 51.21 10.68
CA GLU G 23 15.78 51.33 12.12
C GLU G 23 14.81 50.41 12.86
N TYR G 24 13.61 50.20 12.30
CA TYR G 24 12.65 49.32 12.95
C TYR G 24 13.14 47.88 12.98
N GLY G 25 13.91 47.48 11.97
CA GLY G 25 14.54 46.18 11.97
C GLY G 25 15.63 46.06 13.02
N ALA G 26 16.45 47.10 13.11
CA ALA G 26 17.52 47.10 14.11
C ALA G 26 16.94 47.08 15.52
N GLU G 27 15.86 47.82 15.76
CA GLU G 27 15.22 47.79 17.07
C GLU G 27 14.57 46.44 17.34
N ALA G 28 13.93 45.86 16.31
CA ALA G 28 13.31 44.54 16.49
C ALA G 28 14.34 43.50 16.90
N LEU G 29 15.49 43.48 16.25
CA LEU G 29 16.52 42.57 16.64
C LEU G 29 17.03 42.82 18.02
N GLU G 30 17.20 44.05 18.38
CA GLU G 30 17.68 44.35 19.73
C GLU G 30 16.66 43.93 20.78
N ARG G 31 15.38 44.17 20.51
CA ARG G 31 14.34 43.69 21.42
C ARG G 31 14.31 42.17 21.49
N MET G 32 14.65 41.49 20.38
CA MET G 32 14.65 40.03 20.38
C MET G 32 15.80 39.48 21.22
N PHE G 33 16.96 40.14 21.18
CA PHE G 33 18.09 39.68 21.98
C PHE G 33 17.91 40.02 23.45
N CYS G 34 17.34 41.19 23.74
CA CYS G 34 17.18 41.61 25.12
C CYS G 34 16.15 40.76 25.86
N SER G 35 15.04 40.43 25.19
CA SER G 35 13.98 39.64 25.82
C SER G 35 14.23 38.14 25.69
N PHE G 36 14.77 37.70 24.55
CA PHE G 36 14.96 36.29 24.25
C PHE G 36 16.45 36.05 23.96
N PRO G 37 17.28 36.07 25.00
CA PRO G 37 18.73 36.09 24.79
C PRO G 37 19.28 34.81 24.19
N THR G 38 18.51 33.71 24.21
CA THR G 38 18.97 32.50 23.55
C THR G 38 19.03 32.67 22.04
N THR G 39 18.36 33.68 21.49
CA THR G 39 18.49 33.98 20.06
C THR G 39 19.83 34.64 19.72
N LYS G 40 20.60 35.07 20.74
CA LYS G 40 21.98 35.49 20.48
C LYS G 40 22.80 34.36 19.89
N THR G 41 22.46 33.12 20.22
CA THR G 41 23.25 31.97 19.78
C THR G 41 23.19 31.77 18.27
N TYR G 42 22.24 32.40 17.58
CA TYR G 42 22.25 32.38 16.13
C TYR G 42 23.24 33.38 15.53
N PHE G 43 23.73 34.34 16.32
CA PHE G 43 24.65 35.35 15.82
C PHE G 43 25.96 35.37 16.64
N PRO G 44 26.65 34.23 16.73
CA PRO G 44 27.89 34.24 17.53
C PRO G 44 28.94 35.20 16.99
N HIS G 45 28.99 35.36 15.67
CA HIS G 45 29.96 36.25 15.03
C HIS G 45 29.61 37.72 15.18
N PHE G 46 28.44 38.05 15.70
CA PHE G 46 28.01 39.43 15.86
C PHE G 46 28.43 40.00 17.20
N ASP G 47 28.81 41.28 17.19
CA ASP G 47 28.64 42.10 18.38
C ASP G 47 27.15 42.36 18.54
N VAL G 48 26.54 41.77 19.55
CA VAL G 48 25.10 41.89 19.77
C VAL G 48 24.78 42.80 20.96
N SER G 49 25.76 43.56 21.43
CA SER G 49 25.48 44.59 22.42
C SER G 49 24.60 45.68 21.79
N PRO G 50 23.75 46.33 22.57
CA PRO G 50 22.81 47.30 21.98
C PRO G 50 23.55 48.52 21.46
N GLY G 51 23.16 48.95 20.26
CA GLY G 51 23.89 49.97 19.55
C GLY G 51 25.02 49.47 18.71
N SER G 52 25.27 48.15 18.72
CA SER G 52 26.31 47.56 17.89
C SER G 52 26.10 47.91 16.43
N ALA G 53 27.20 48.27 15.75
CA ALA G 53 27.10 48.61 14.34
C ALA G 53 26.57 47.44 13.52
N GLN G 54 26.86 46.21 13.96
CA GLN G 54 26.49 45.03 13.17
C GLN G 54 24.98 44.79 13.19
N VAL G 55 24.34 45.00 14.35
CA VAL G 55 22.89 44.84 14.42
C VAL G 55 22.20 45.96 13.67
N LYS G 56 22.76 47.17 13.70
CA LYS G 56 22.24 48.29 12.93
C LYS G 56 22.16 47.93 11.45
N GLY G 57 23.31 47.58 10.85
CA GLY G 57 23.35 47.26 9.44
C GLY G 57 22.57 46.01 9.07
N HIS G 58 22.27 45.15 10.05
CA HIS G 58 21.49 43.96 9.77
C HIS G 58 19.99 44.22 9.88
N GLY G 59 19.59 45.14 10.76
CA GLY G 59 18.20 45.57 10.77
C GLY G 59 17.79 46.23 9.46
N ALA G 60 18.72 46.93 8.82
CA ALA G 60 18.45 47.46 7.48
C ALA G 60 18.26 46.33 6.48
N LYS G 61 18.98 45.22 6.65
CA LYS G 61 18.84 44.09 5.73
C LYS G 61 17.49 43.42 5.90
N VAL G 62 17.16 43.02 7.14
CA VAL G 62 15.86 42.42 7.42
C VAL G 62 14.74 43.32 6.93
N ALA G 63 14.89 44.63 7.12
CA ALA G 63 13.91 45.58 6.64
C ALA G 63 13.70 45.45 5.13
N GLY G 64 14.79 45.58 4.36
CA GLY G 64 14.70 45.46 2.92
C GLY G 64 14.03 44.18 2.46
N ALA G 65 14.23 43.10 3.20
CA ALA G 65 13.57 41.84 2.87
C ALA G 65 12.08 41.90 3.15
N LEU G 66 11.66 42.63 4.18
CA LEU G 66 10.24 42.71 4.51
C LEU G 66 9.48 43.57 3.51
N ALA G 67 10.08 44.68 3.07
CA ALA G 67 9.44 45.51 2.05
C ALA G 67 9.34 44.77 0.73
N THR G 68 10.37 44.00 0.38
CA THR G 68 10.29 43.12 -0.78
C THR G 68 9.12 42.15 -0.65
N ALA G 69 9.02 41.50 0.51
CA ALA G 69 7.91 40.58 0.75
C ALA G 69 6.57 41.28 0.70
N ALA G 70 6.51 42.54 1.14
CA ALA G 70 5.25 43.26 1.18
C ALA G 70 4.72 43.58 -0.22
N SER G 71 5.61 43.70 -1.20
CA SER G 71 5.22 44.02 -2.57
C SER G 71 5.10 42.79 -3.47
N HIS G 72 5.23 41.59 -2.90
CA HIS G 72 5.12 40.34 -3.66
C HIS G 72 4.25 39.35 -2.88
N LEU G 73 3.07 39.81 -2.44
CA LEU G 73 2.30 39.05 -1.46
C LEU G 73 1.71 37.78 -2.04
N ASP G 74 1.42 37.76 -3.35
CA ASP G 74 0.86 36.56 -3.96
C ASP G 74 1.81 35.38 -3.85
N ASP G 75 3.09 35.59 -4.20
CA ASP G 75 4.07 34.50 -4.28
C ASP G 75 5.28 34.87 -3.44
N LEU G 76 5.19 34.63 -2.14
CA LEU G 76 6.33 34.76 -1.25
C LEU G 76 7.37 33.66 -1.49
N PRO G 77 7.00 32.38 -1.66
CA PRO G 77 8.02 31.36 -1.90
C PRO G 77 8.99 31.68 -3.02
N ALA G 78 8.54 32.34 -4.09
CA ALA G 78 9.43 32.66 -5.19
C ALA G 78 10.39 33.80 -4.80
N ALA G 79 9.84 34.90 -4.31
CA ALA G 79 10.64 36.09 -4.05
C ALA G 79 11.53 35.98 -2.81
N LEU G 80 11.31 34.98 -1.96
CA LEU G 80 12.13 34.76 -0.79
C LEU G 80 12.91 33.44 -0.85
N SER G 81 12.93 32.78 -2.01
CA SER G 81 13.58 31.49 -2.14
C SER G 81 15.03 31.54 -1.70
N ALA G 82 15.78 32.52 -2.21
CA ALA G 82 17.18 32.67 -1.82
C ALA G 82 17.32 32.88 -0.33
N LEU G 83 16.37 33.59 0.29
CA LEU G 83 16.38 33.78 1.73
C LEU G 83 15.89 32.53 2.47
N SER G 84 15.09 31.70 1.83
CA SER G 84 14.69 30.44 2.45
C SER G 84 15.85 29.45 2.49
N ASP G 85 16.73 29.51 1.49
CA ASP G 85 17.94 28.68 1.52
C ASP G 85 18.78 29.03 2.75
N LEU G 86 18.95 30.32 3.02
CA LEU G 86 19.80 30.77 4.11
C LEU G 86 19.27 30.31 5.47
N HIS G 87 18.02 30.67 5.78
CA HIS G 87 17.51 30.44 7.13
C HIS G 87 17.12 28.99 7.36
N ALA G 88 16.63 28.31 6.32
CA ALA G 88 16.28 26.90 6.46
C ALA G 88 17.46 25.98 6.19
N HIS G 89 17.98 26.00 4.96
CA HIS G 89 18.95 24.98 4.55
C HIS G 89 20.26 25.08 5.34
N LYS G 90 20.89 26.26 5.37
CA LYS G 90 22.18 26.30 6.05
C LYS G 90 22.07 26.71 7.53
N LEU G 91 21.29 27.75 7.84
CA LEU G 91 21.20 28.21 9.23
C LEU G 91 20.34 27.27 10.08
N ARG G 92 19.22 26.79 9.53
CA ARG G 92 18.33 25.85 10.21
C ARG G 92 17.71 26.46 11.47
N VAL G 93 17.15 27.66 11.31
CA VAL G 93 16.59 28.39 12.44
C VAL G 93 15.31 27.71 12.91
N ASP G 94 15.22 27.48 14.21
CA ASP G 94 14.01 26.97 14.82
C ASP G 94 12.85 27.94 14.53
N PRO G 95 11.71 27.45 14.04
CA PRO G 95 10.59 28.35 13.69
C PRO G 95 10.13 29.23 14.84
N VAL G 96 10.41 28.81 16.09
CA VAL G 96 9.92 29.54 17.25
C VAL G 96 10.50 30.96 17.30
N ASN G 97 11.74 31.12 16.84
CA ASN G 97 12.42 32.42 16.94
C ASN G 97 11.97 33.40 15.87
N PHE G 98 11.32 32.93 14.80
CA PHE G 98 10.62 33.83 13.91
C PHE G 98 9.40 34.45 14.60
N LYS G 99 8.63 33.63 15.32
CA LYS G 99 7.58 34.17 16.19
C LYS G 99 8.15 35.21 17.14
N LEU G 100 9.33 34.93 17.70
CA LEU G 100 9.96 35.87 18.63
C LEU G 100 10.27 37.20 17.93
N LEU G 101 10.97 37.14 16.79
CA LEU G 101 11.31 38.35 16.07
C LEU G 101 10.07 39.04 15.52
N SER G 102 9.07 38.27 15.09
CA SER G 102 7.81 38.85 14.63
C SER G 102 7.15 39.65 15.75
N HIS G 103 7.12 39.08 16.96
CA HIS G 103 6.53 39.78 18.09
C HIS G 103 7.31 41.04 18.43
N CYS G 104 8.64 40.96 18.45
CA CYS G 104 9.45 42.14 18.74
C CYS G 104 9.28 43.21 17.66
N LEU G 105 9.13 42.79 16.41
CA LEU G 105 8.90 43.75 15.34
C LEU G 105 7.56 44.44 15.50
N LEU G 106 6.53 43.70 15.90
CA LEU G 106 5.23 44.33 16.14
C LEU G 106 5.24 45.18 17.40
N VAL G 107 6.04 44.81 18.40
CA VAL G 107 6.23 45.69 19.55
C VAL G 107 6.87 47.00 19.11
N THR G 108 7.90 46.91 18.26
CA THR G 108 8.53 48.10 17.71
C THR G 108 7.51 48.98 16.99
N LEU G 109 6.69 48.38 16.13
CA LEU G 109 5.72 49.15 15.36
C LEU G 109 4.68 49.79 16.27
N ALA G 110 4.21 49.05 17.28
CA ALA G 110 3.31 49.64 18.25
C ALA G 110 3.98 50.78 19.01
N ALA G 111 5.29 50.67 19.25
CA ALA G 111 5.99 51.67 20.05
C ALA G 111 6.32 52.94 19.28
N HIS G 112 6.25 52.92 17.95
CA HIS G 112 6.62 54.08 17.16
C HIS G 112 5.47 54.71 16.39
N HIS G 113 4.45 53.95 16.03
CA HIS G 113 3.30 54.47 15.29
C HIS G 113 2.02 54.04 16.00
N PRO G 114 1.58 54.79 17.02
CA PRO G 114 0.38 54.38 17.77
C PRO G 114 -0.91 54.64 17.00
N ALA G 115 -1.01 55.80 16.35
CA ALA G 115 -2.23 56.13 15.61
C ALA G 115 -2.41 55.25 14.37
N GLU G 116 -1.33 54.66 13.86
CA GLU G 116 -1.41 53.83 12.67
C GLU G 116 -1.52 52.34 12.98
N PHE G 117 -1.12 51.93 14.18
CA PHE G 117 -1.13 50.51 14.55
C PHE G 117 -2.49 50.11 15.12
N THR G 118 -3.49 50.17 14.24
CA THR G 118 -4.85 49.80 14.62
C THR G 118 -4.96 48.29 14.81
N PRO G 119 -5.99 47.83 15.52
CA PRO G 119 -6.21 46.38 15.64
C PRO G 119 -6.32 45.67 14.30
N ALA G 120 -6.90 46.31 13.29
CA ALA G 120 -7.00 45.68 11.97
C ALA G 120 -5.64 45.57 11.31
N VAL G 121 -4.87 46.66 11.31
CA VAL G 121 -3.52 46.62 10.75
C VAL G 121 -2.66 45.61 11.50
N HIS G 122 -2.83 45.55 12.83
CA HIS G 122 -2.08 44.61 13.64
C HIS G 122 -2.37 43.17 13.21
N ALA G 123 -3.64 42.82 13.08
CA ALA G 123 -4.00 41.46 12.69
C ALA G 123 -3.42 41.10 11.33
N SER G 124 -3.47 42.03 10.38
CA SER G 124 -2.94 41.76 9.04
C SER G 124 -1.43 41.55 9.08
N LEU G 125 -0.72 42.36 9.87
CA LEU G 125 0.73 42.27 9.92
C LEU G 125 1.19 40.99 10.63
N ASP G 126 0.48 40.60 11.69
CA ASP G 126 0.75 39.31 12.32
C ASP G 126 0.67 38.19 11.31
N LYS G 127 -0.39 38.19 10.49
CA LYS G 127 -0.50 37.20 9.42
C LYS G 127 0.60 37.36 8.39
N PHE G 128 0.95 38.62 8.07
CA PHE G 128 2.07 38.88 7.18
C PHE G 128 3.35 38.25 7.71
N LEU G 129 3.66 38.50 8.99
CA LEU G 129 4.86 37.91 9.59
C LEU G 129 4.76 36.40 9.66
N ALA G 130 3.55 35.86 9.80
CA ALA G 130 3.39 34.41 9.80
C ALA G 130 3.66 33.80 8.43
N SER G 131 3.32 34.54 7.37
CA SER G 131 3.52 34.01 6.02
C SER G 131 5.00 34.00 5.64
N VAL G 132 5.71 35.09 5.95
CA VAL G 132 7.14 35.14 5.65
C VAL G 132 7.89 34.14 6.52
N SER G 133 7.46 33.97 7.77
CA SER G 133 8.10 32.98 8.64
C SER G 133 7.97 31.59 8.05
N THR G 134 6.76 31.23 7.59
CA THR G 134 6.53 29.91 7.02
C THR G 134 7.41 29.69 5.79
N VAL G 135 7.63 30.74 5.00
CA VAL G 135 8.44 30.61 3.79
C VAL G 135 9.90 30.34 4.16
N LEU G 136 10.43 31.04 5.16
CA LEU G 136 11.85 30.97 5.45
C LEU G 136 12.24 29.72 6.25
N THR G 137 11.34 29.18 7.07
CA THR G 137 11.63 27.98 7.85
C THR G 137 11.29 26.70 7.11
N SER G 138 11.11 26.80 5.80
CA SER G 138 10.69 25.67 4.97
C SER G 138 11.72 25.15 3.98
N LYS G 139 11.69 23.84 3.77
CA LYS G 139 12.51 23.07 2.83
C LYS G 139 13.91 22.53 3.14
N TYR G 140 14.31 22.41 4.38
CA TYR G 140 15.66 21.93 4.73
C TYR G 140 16.09 20.70 3.94
N VAL H 1 8.92 33.12 36.45
CA VAL H 1 10.33 33.46 36.62
C VAL H 1 10.51 34.43 37.78
N HIS H 2 11.69 34.39 38.39
CA HIS H 2 12.06 35.34 39.44
C HIS H 2 12.69 36.57 38.79
N LEU H 3 12.40 37.74 39.36
CA LEU H 3 12.83 39.01 38.79
C LEU H 3 13.72 39.76 39.76
N THR H 4 14.81 40.32 39.27
CA THR H 4 15.61 41.24 40.06
C THR H 4 14.79 42.45 40.45
N ASP H 5 15.16 43.08 41.57
CA ASP H 5 14.45 44.28 41.99
C ASP H 5 14.47 45.35 40.92
N ALA H 6 15.56 45.44 40.14
CA ALA H 6 15.60 46.37 39.03
C ALA H 6 14.49 46.09 38.02
N GLU H 7 14.11 44.82 37.86
CA GLU H 7 13.03 44.49 36.94
C GLU H 7 11.65 44.71 37.57
N LYS H 8 11.52 44.36 38.87
CA LYS H 8 10.28 44.67 39.58
C LYS H 8 10.01 46.17 39.59
N ALA H 9 11.03 46.96 39.92
CA ALA H 9 10.87 48.41 39.89
C ALA H 9 10.49 48.90 38.49
N LEU H 10 11.03 48.24 37.45
CA LEU H 10 10.72 48.63 36.09
C LEU H 10 9.27 48.28 35.74
N VAL H 11 8.82 47.08 36.12
CA VAL H 11 7.47 46.66 35.78
C VAL H 11 6.43 47.46 36.56
N THR H 12 6.57 47.51 37.89
CA THR H 12 5.63 48.28 38.70
C THR H 12 5.73 49.77 38.41
N GLY H 13 6.92 50.25 38.04
CA GLY H 13 7.05 51.66 37.71
C GLY H 13 6.27 52.05 36.47
N LEU H 14 6.41 51.25 35.40
CA LEU H 14 5.70 51.56 34.17
C LEU H 14 4.22 51.23 34.27
N TRP H 15 3.85 50.29 35.13
CA TRP H 15 2.44 49.98 35.33
C TRP H 15 1.68 51.16 35.92
N GLY H 16 2.35 52.00 36.71
CA GLY H 16 1.71 53.15 37.32
C GLY H 16 1.62 54.36 36.40
N LYS H 17 1.93 54.16 35.12
CA LYS H 17 1.82 55.21 34.10
C LYS H 17 0.91 54.81 32.95
N VAL H 18 0.18 53.71 33.09
CA VAL H 18 -0.92 53.36 32.20
C VAL H 18 -2.16 53.13 33.05
N LYS H 19 -3.32 53.21 32.40
CA LYS H 19 -4.57 52.88 33.09
C LYS H 19 -4.99 51.48 32.70
N PRO H 20 -5.11 50.54 33.68
CA PRO H 20 -5.21 49.11 33.33
C PRO H 20 -6.45 48.76 32.53
N GLU H 21 -7.58 49.41 32.79
CA GLU H 21 -8.80 49.10 32.04
C GLU H 21 -8.61 49.32 30.55
N GLU H 22 -7.83 50.34 30.17
CA GLU H 22 -7.50 50.51 28.76
C GLU H 22 -6.63 49.36 28.25
N ILE H 23 -5.62 48.97 29.04
CA ILE H 23 -4.77 47.84 28.65
C ILE H 23 -5.60 46.58 28.50
N GLY H 24 -6.39 46.25 29.53
CA GLY H 24 -7.19 45.04 29.47
C GLY H 24 -8.16 45.04 28.31
N GLY H 25 -8.93 46.13 28.16
CA GLY H 25 -9.86 46.21 27.05
C GLY H 25 -9.17 46.11 25.70
N GLU H 26 -8.00 46.73 25.57
CA GLU H 26 -7.28 46.69 24.30
C GLU H 26 -6.59 45.35 24.06
N ALA H 27 -6.10 44.70 25.12
CA ALA H 27 -5.39 43.43 24.93
C ALA H 27 -6.36 42.31 24.55
N LEU H 28 -7.47 42.17 25.28
CA LEU H 28 -8.45 41.16 24.92
C LEU H 28 -9.03 41.41 23.53
N GLY H 29 -9.33 42.67 23.22
CA GLY H 29 -9.85 42.99 21.90
C GLY H 29 -8.87 42.60 20.79
N ARG H 30 -7.60 42.95 20.98
CA ARG H 30 -6.61 42.63 19.95
C ARG H 30 -6.40 41.12 19.84
N LEU H 31 -6.48 40.40 20.97
CA LEU H 31 -6.45 38.95 20.92
C LEU H 31 -7.53 38.41 19.99
N LEU H 32 -8.78 38.74 20.28
CA LEU H 32 -9.89 38.30 19.45
C LEU H 32 -9.72 38.75 18.00
N ALA H 33 -9.10 39.91 17.78
CA ALA H 33 -8.88 40.39 16.42
C ALA H 33 -7.74 39.63 15.75
N VAL H 34 -6.57 39.61 16.38
CA VAL H 34 -5.39 39.01 15.76
C VAL H 34 -5.54 37.50 15.63
N TYR H 35 -6.19 36.84 16.59
CA TYR H 35 -6.31 35.39 16.63
C TYR H 35 -7.79 35.03 16.63
N PRO H 36 -8.41 34.94 15.45
CA PRO H 36 -9.88 34.94 15.37
C PRO H 36 -10.54 33.74 16.05
N TRP H 37 -9.87 32.59 16.13
CA TRP H 37 -10.50 31.41 16.71
C TRP H 37 -10.76 31.56 18.21
N THR H 38 -10.15 32.55 18.87
CA THR H 38 -10.45 32.77 20.27
C THR H 38 -11.83 33.37 20.47
N GLN H 39 -12.44 33.90 19.42
CA GLN H 39 -13.82 34.37 19.52
C GLN H 39 -14.76 33.24 19.94
N ARG H 40 -14.45 32.00 19.51
CA ARG H 40 -15.28 30.84 19.81
C ARG H 40 -15.61 30.73 21.30
N PHE H 41 -14.70 31.20 22.15
CA PHE H 41 -14.92 31.15 23.59
C PHE H 41 -15.80 32.28 24.11
N PHE H 42 -16.38 33.10 23.23
CA PHE H 42 -17.09 34.32 23.67
C PHE H 42 -18.38 34.51 22.87
N ASP H 43 -19.22 33.47 22.84
CA ASP H 43 -20.45 33.56 22.07
C ASP H 43 -21.55 34.33 22.80
N SER H 44 -21.53 34.33 24.14
CA SER H 44 -22.49 35.15 24.85
C SER H 44 -22.15 36.64 24.79
N PHE H 45 -21.05 37.01 24.12
CA PHE H 45 -20.59 38.38 24.03
C PHE H 45 -21.20 39.12 22.83
N GLY H 46 -21.85 38.41 21.92
CA GLY H 46 -22.42 39.07 20.78
C GLY H 46 -21.37 39.39 19.72
N ASP H 47 -21.61 40.48 19.01
CA ASP H 47 -20.94 40.76 17.75
C ASP H 47 -19.42 40.86 17.92
N LEU H 48 -18.71 39.95 17.28
CA LEU H 48 -17.26 39.98 17.11
C LEU H 48 -16.90 39.76 15.63
N SER H 49 -17.66 40.38 14.72
CA SER H 49 -17.54 40.09 13.30
C SER H 49 -16.43 40.86 12.62
N SER H 50 -16.03 42.00 13.17
CA SER H 50 -15.01 42.85 12.59
C SER H 50 -14.10 43.35 13.69
N ALA H 51 -12.94 43.88 13.31
CA ALA H 51 -12.14 44.62 14.28
C ALA H 51 -12.96 45.77 14.86
N SER H 52 -13.76 46.40 14.01
CA SER H 52 -14.65 47.48 14.46
C SER H 52 -15.60 47.00 15.54
N ALA H 53 -16.30 45.89 15.29
CA ALA H 53 -17.27 45.38 16.25
C ALA H 53 -16.58 44.95 17.54
N ILE H 54 -15.43 44.29 17.42
CA ILE H 54 -14.73 43.76 18.60
C ILE H 54 -14.35 44.89 19.55
N MET H 55 -13.65 45.90 19.04
CA MET H 55 -13.21 47.01 19.88
C MET H 55 -14.37 47.89 20.34
N GLY H 56 -15.56 47.74 19.75
CA GLY H 56 -16.74 48.46 20.20
C GLY H 56 -17.61 47.63 21.13
N ASN H 57 -17.37 46.33 21.18
CA ASN H 57 -18.13 45.43 22.03
C ASN H 57 -18.01 45.87 23.50
N ALA H 58 -19.14 46.12 24.14
CA ALA H 58 -19.12 46.56 25.53
C ALA H 58 -18.79 45.41 26.48
N LYS H 59 -19.20 44.19 26.14
CA LYS H 59 -18.85 43.05 26.97
C LYS H 59 -17.35 42.77 26.91
N VAL H 60 -16.75 42.97 25.74
CA VAL H 60 -15.30 42.83 25.61
C VAL H 60 -14.59 43.79 26.55
N LYS H 61 -14.97 45.07 26.51
CA LYS H 61 -14.42 46.05 27.43
C LYS H 61 -14.58 45.58 28.87
N GLY H 62 -15.77 45.08 29.22
CA GLY H 62 -16.01 44.62 30.57
C GLY H 62 -15.09 43.48 30.97
N HIS H 63 -14.89 42.52 30.06
CA HIS H 63 -14.09 41.35 30.41
C HIS H 63 -12.60 41.68 30.43
N GLY H 64 -12.12 42.46 29.46
CA GLY H 64 -10.75 42.94 29.52
C GLY H 64 -10.46 43.66 30.81
N LYS H 65 -11.46 44.34 31.36
CA LYS H 65 -11.28 45.01 32.65
C LYS H 65 -11.07 44.00 33.77
N LYS H 66 -11.84 42.90 33.77
CA LYS H 66 -11.68 41.90 34.82
C LYS H 66 -10.41 41.08 34.61
N VAL H 67 -10.05 40.79 33.37
CA VAL H 67 -8.79 40.09 33.09
C VAL H 67 -7.62 40.92 33.61
N ILE H 68 -7.61 42.22 33.29
CA ILE H 68 -6.49 43.06 33.71
C ILE H 68 -6.46 43.20 35.23
N ASP H 69 -7.60 43.07 35.90
CA ASP H 69 -7.61 43.08 37.36
C ASP H 69 -6.85 41.88 37.92
N SER H 70 -7.05 40.70 37.34
CA SER H 70 -6.31 39.52 37.78
C SER H 70 -4.84 39.65 37.44
N PHE H 71 -4.52 40.09 36.22
CA PHE H 71 -3.15 40.37 35.85
C PHE H 71 -2.51 41.33 36.84
N GLY H 72 -3.18 42.47 37.08
CA GLY H 72 -2.69 43.41 38.07
C GLY H 72 -2.47 42.77 39.43
N GLU H 73 -3.38 41.86 39.81
CA GLU H 73 -3.19 41.13 41.06
C GLU H 73 -1.96 40.22 41.00
N GLY H 74 -1.60 39.77 39.80
CA GLY H 74 -0.35 39.04 39.66
C GLY H 74 0.86 39.94 39.84
N LEU H 75 0.77 41.19 39.39
CA LEU H 75 1.89 42.13 39.48
C LEU H 75 2.28 42.41 40.93
N LYS H 76 1.36 42.24 41.88
CA LYS H 76 1.67 42.43 43.29
C LYS H 76 2.16 41.16 43.96
N HIS H 77 2.15 40.01 43.27
CA HIS H 77 2.56 38.74 43.87
C HIS H 77 3.46 37.96 42.93
N LEU H 78 4.32 38.65 42.16
CA LEU H 78 5.14 38.01 41.13
C LEU H 78 5.83 36.75 41.63
N ASP H 79 6.24 36.73 42.90
CA ASP H 79 6.86 35.56 43.50
C ASP H 79 5.84 34.54 44.00
N ASN H 80 4.61 34.56 43.49
CA ASN H 80 3.56 33.66 43.95
C ASN H 80 2.52 33.53 42.83
N LEU H 81 2.99 33.36 41.58
CA LEU H 81 2.06 33.32 40.48
C LEU H 81 1.23 32.03 40.50
N LYS H 82 1.82 30.93 40.99
CA LYS H 82 1.08 29.68 41.15
C LYS H 82 -0.18 29.89 41.99
N GLY H 83 0.00 30.31 43.24
CA GLY H 83 -1.12 30.40 44.16
C GLY H 83 -2.13 31.46 43.76
N THR H 84 -1.66 32.58 43.22
CA THR H 84 -2.57 33.66 42.85
C THR H 84 -3.42 33.33 41.63
N PHE H 85 -2.94 32.44 40.76
CA PHE H 85 -3.69 32.05 39.57
C PHE H 85 -4.18 30.61 39.63
N ALA H 86 -4.30 30.05 40.84
CA ALA H 86 -4.85 28.71 40.98
C ALA H 86 -6.32 28.68 40.57
N SER H 87 -7.11 29.63 41.08
CA SER H 87 -8.54 29.63 40.83
C SER H 87 -8.87 29.83 39.36
N LEU H 88 -8.15 30.72 38.68
CA LEU H 88 -8.41 30.98 37.28
C LEU H 88 -7.84 29.89 36.38
N SER H 89 -6.79 29.19 36.82
CA SER H 89 -6.23 28.13 36.00
C SER H 89 -7.20 26.96 35.90
N GLU H 90 -7.76 26.53 37.04
CA GLU H 90 -8.68 25.39 37.00
C GLU H 90 -9.97 25.74 36.28
N LEU H 91 -10.43 27.00 36.37
CA LEU H 91 -11.60 27.42 35.62
C LEU H 91 -11.35 27.31 34.13
N HIS H 92 -10.21 27.82 33.67
CA HIS H 92 -9.87 27.75 32.25
C HIS H 92 -9.62 26.32 31.80
N CYS H 93 -9.09 25.47 32.69
CA CYS H 93 -8.79 24.09 32.36
C CYS H 93 -10.05 23.24 32.26
N ASP H 94 -10.72 23.01 33.39
CA ASP H 94 -11.78 22.02 33.46
C ASP H 94 -13.09 22.51 32.86
N LYS H 95 -13.40 23.80 32.98
CA LYS H 95 -14.67 24.32 32.47
C LYS H 95 -14.55 24.89 31.07
N LEU H 96 -13.64 25.84 30.85
CA LEU H 96 -13.64 26.59 29.61
C LEU H 96 -12.95 25.87 28.45
N HIS H 97 -12.12 24.87 28.74
CA HIS H 97 -11.42 24.10 27.70
C HIS H 97 -10.59 25.01 26.80
N VAL H 98 -9.95 26.00 27.41
CA VAL H 98 -9.08 26.94 26.68
C VAL H 98 -7.71 26.31 26.57
N ASP H 99 -7.26 26.08 25.34
CA ASP H 99 -5.95 25.49 25.13
C ASP H 99 -4.86 26.37 25.77
N PRO H 100 -3.91 25.78 26.49
CA PRO H 100 -2.94 26.61 27.23
C PRO H 100 -2.04 27.44 26.35
N GLU H 101 -1.89 27.09 25.07
CA GLU H 101 -1.07 27.89 24.17
C GLU H 101 -1.62 29.30 24.01
N ASN H 102 -2.95 29.46 24.15
CA ASN H 102 -3.58 30.76 23.96
C ASN H 102 -3.31 31.72 25.12
N PHE H 103 -2.92 31.21 26.29
CA PHE H 103 -2.55 32.09 27.39
C PHE H 103 -1.39 32.99 27.02
N LYS H 104 -0.46 32.46 26.24
CA LYS H 104 0.69 33.24 25.84
C LYS H 104 0.31 34.25 24.75
N LEU H 105 -0.70 33.95 23.92
CA LEU H 105 -1.19 34.94 22.96
C LEU H 105 -1.76 36.17 23.67
N LEU H 106 -2.60 35.96 24.69
CA LEU H 106 -3.12 37.09 25.45
C LEU H 106 -2.01 37.82 26.19
N GLY H 107 -1.07 37.07 26.78
CA GLY H 107 0.07 37.72 27.40
C GLY H 107 0.85 38.59 26.43
N ASN H 108 1.08 38.08 25.21
CA ASN H 108 1.76 38.88 24.19
C ASN H 108 0.96 40.14 23.85
N MET H 109 -0.38 40.02 23.77
CA MET H 109 -1.19 41.21 23.51
C MET H 109 -1.04 42.25 24.61
N ILE H 110 -0.82 41.82 25.85
CA ILE H 110 -0.60 42.77 26.94
C ILE H 110 0.72 43.51 26.72
N VAL H 111 1.77 42.79 26.31
CA VAL H 111 3.05 43.44 26.00
C VAL H 111 2.85 44.49 24.91
N ILE H 112 2.26 44.07 23.79
CA ILE H 112 2.09 44.96 22.63
C ILE H 112 1.23 46.16 22.98
N VAL H 113 0.22 45.97 23.83
CA VAL H 113 -0.64 47.10 24.21
C VAL H 113 0.14 48.08 25.09
N MET H 114 1.04 47.58 25.95
CA MET H 114 1.89 48.49 26.72
C MET H 114 2.78 49.32 25.81
N ALA H 115 3.33 48.69 24.77
CA ALA H 115 4.17 49.43 23.82
C ALA H 115 3.36 50.48 23.08
N HIS H 116 2.12 50.16 22.71
CA HIS H 116 1.24 51.13 22.08
C HIS H 116 1.06 52.36 22.96
N HIS H 117 0.73 52.15 24.24
CA HIS H 117 0.43 53.25 25.14
C HIS H 117 1.68 54.03 25.54
N LEU H 118 2.84 53.37 25.61
CA LEU H 118 4.01 53.98 26.22
C LEU H 118 5.06 54.46 25.23
N GLY H 119 5.02 54.01 23.99
CA GLY H 119 6.00 54.48 23.02
C GLY H 119 7.42 54.10 23.40
N LYS H 120 8.31 55.09 23.40
CA LYS H 120 9.73 54.84 23.67
C LYS H 120 10.03 54.63 25.15
N ASP H 121 9.06 54.85 26.04
CA ASP H 121 9.25 54.52 27.44
C ASP H 121 9.19 53.02 27.70
N PHE H 122 8.56 52.27 26.79
CA PHE H 122 8.58 50.81 26.84
C PHE H 122 9.88 50.33 26.19
N THR H 123 10.98 50.51 26.92
CA THR H 123 12.30 50.18 26.43
C THR H 123 12.43 48.69 26.15
N PRO H 124 13.42 48.30 25.35
CA PRO H 124 13.76 46.87 25.27
C PRO H 124 13.94 46.21 26.62
N ALA H 125 14.58 46.90 27.57
CA ALA H 125 14.64 46.38 28.93
C ALA H 125 13.26 46.33 29.58
N ALA H 126 12.40 47.32 29.27
CA ALA H 126 11.04 47.28 29.77
C ALA H 126 10.28 46.09 29.20
N GLN H 127 10.48 45.80 27.92
CA GLN H 127 9.80 44.66 27.31
C GLN H 127 10.24 43.35 27.95
N ALA H 128 11.55 43.17 28.12
CA ALA H 128 12.06 41.93 28.70
C ALA H 128 11.53 41.72 30.12
N ALA H 129 11.38 42.80 30.88
CA ALA H 129 10.80 42.70 32.21
C ALA H 129 9.35 42.22 32.13
N TYR H 130 8.54 42.85 31.27
CA TYR H 130 7.15 42.45 31.13
C TYR H 130 7.01 41.08 30.48
N GLN H 131 7.92 40.73 29.56
CA GLN H 131 7.89 39.40 28.96
C GLN H 131 8.03 38.31 30.02
N LYS H 132 8.88 38.55 31.01
CA LYS H 132 9.02 37.59 32.10
C LYS H 132 7.72 37.45 32.88
N VAL H 133 7.00 38.56 33.05
CA VAL H 133 5.79 38.53 33.87
C VAL H 133 4.68 37.75 33.17
N VAL H 134 4.42 38.06 31.89
CA VAL H 134 3.33 37.41 31.19
C VAL H 134 3.62 35.92 30.99
N ALA H 135 4.89 35.56 30.82
CA ALA H 135 5.24 34.15 30.70
C ALA H 135 5.02 33.41 32.03
N GLY H 136 5.22 34.10 33.15
CA GLY H 136 4.89 33.51 34.44
C GLY H 136 3.40 33.37 34.63
N VAL H 137 2.64 34.42 34.29
CA VAL H 137 1.18 34.35 34.35
C VAL H 137 0.67 33.22 33.47
N ALA H 138 1.21 33.12 32.24
CA ALA H 138 0.78 32.07 31.32
C ALA H 138 1.13 30.69 31.86
N THR H 139 2.31 30.53 32.44
CA THR H 139 2.68 29.27 33.07
C THR H 139 1.73 28.94 34.22
N ALA H 140 1.58 29.87 35.16
CA ALA H 140 0.75 29.63 36.33
C ALA H 140 -0.68 29.31 35.95
N LEU H 141 -1.19 29.97 34.89
CA LEU H 141 -2.54 29.70 34.43
C LEU H 141 -2.72 28.28 33.90
N ALA H 142 -1.65 27.50 33.78
CA ALA H 142 -1.76 26.26 33.01
C ALA H 142 -1.02 25.07 33.59
N HIS H 143 -0.58 25.09 34.85
CA HIS H 143 0.01 23.87 35.38
C HIS H 143 -1.00 22.99 36.11
N LYS H 144 -2.08 23.57 36.64
CA LYS H 144 -3.18 22.76 37.16
C LYS H 144 -4.04 22.28 36.00
N TYR H 145 -3.43 22.21 34.81
CA TYR H 145 -4.09 21.76 33.60
C TYR H 145 -3.93 20.26 33.50
N HIS H 146 -4.76 19.55 34.26
CA HIS H 146 -4.75 18.09 34.28
C HIS H 146 -5.46 17.53 33.06
#